data_4H5U
#
_entry.id   4H5U
#
_cell.length_a   65.262
_cell.length_b   125.665
_cell.length_c   77.674
_cell.angle_alpha   90.00
_cell.angle_beta   95.23
_cell.angle_gamma   90.00
#
_symmetry.space_group_name_H-M   'P 1 21 1'
#
loop_
_entity.id
_entity.type
_entity.pdbx_description
1 polymer 'Probable hydrolase NIT2'
2 non-polymer GLYCEROL
3 non-polymer 'CACODYLATE ION'
4 water water
#
_entity_poly.entity_id   1
_entity_poly.type   'polypeptide(L)'
_entity_poly.pdbx_seq_one_letter_code
;MGSSHHHHHHSSGLVPRGSHMASMTGGQQMGRGSMTSKLKRVAVAQLCSSADLTKNLKVVKELISEAIQKKADVVFLPEA
SDYLSQNPLHSRYLAQKSPKFIRQLQSSITDLVRDNSRNIDVSIGVHLPPSEQDLLEGNDRVRNVLLYIDHEGKILQEYQ
KLHLFDVDVPNGPILKESKSVQPGKAIPDIIESPLGKLGSAI(CAF)YDIRFPEFSLKLRSMGAEILCFPSAFTIKTGEA
HWELLGRARAVDTQCYVLMPGQVGMHDLSDPEWEKQSHMSALEKSSRRESWGHSMVIDPWGKIIAHADPSTVGPQLILAD
LDRELLQEIRNKMPLWNQRRDDLFH
;
_entity_poly.pdbx_strand_id   A,B,C,D
#
# COMPACT_ATOMS: atom_id res chain seq x y z
N LEU A 39 4.24 -18.88 48.20
CA LEU A 39 4.67 -18.02 47.05
C LEU A 39 4.78 -18.84 45.76
N LYS A 40 4.35 -18.24 44.65
CA LYS A 40 4.43 -18.88 43.34
C LYS A 40 5.21 -18.01 42.37
N ARG A 41 6.19 -18.61 41.69
CA ARG A 41 7.11 -17.87 40.83
C ARG A 41 6.63 -17.71 39.39
N VAL A 42 6.61 -16.47 38.92
CA VAL A 42 6.26 -16.16 37.53
C VAL A 42 7.45 -15.56 36.79
N ALA A 43 7.53 -15.87 35.49
CA ALA A 43 8.50 -15.23 34.61
C ALA A 43 7.76 -14.42 33.55
N VAL A 44 8.29 -13.24 33.24
CA VAL A 44 7.73 -12.35 32.22
C VAL A 44 8.86 -12.02 31.24
N ALA A 45 8.65 -12.30 29.96
CA ALA A 45 9.65 -12.08 28.92
C ALA A 45 9.45 -10.76 28.19
N GLN A 46 10.56 -10.11 27.86
CA GLN A 46 10.61 -8.95 27.00
C GLN A 46 11.45 -9.33 25.78
N LEU A 47 10.99 -8.99 24.58
CA LEU A 47 11.70 -9.37 23.36
C LEU A 47 11.47 -8.38 22.23
N CYS A 48 12.14 -8.60 21.10
CA CYS A 48 12.05 -7.71 19.95
C CYS A 48 11.80 -8.52 18.68
N SER A 49 10.54 -8.79 18.38
CA SER A 49 10.20 -9.66 17.25
C SER A 49 10.64 -9.09 15.92
N SER A 50 11.17 -9.96 15.06
CA SER A 50 11.43 -9.63 13.67
C SER A 50 10.30 -10.24 12.82
N ALA A 51 10.45 -10.16 11.50
CA ALA A 51 9.54 -10.82 10.58
C ALA A 51 9.95 -12.27 10.31
N ASP A 52 11.08 -12.69 10.89
CA ASP A 52 11.65 -14.03 10.69
C ASP A 52 11.22 -14.97 11.82
N LEU A 53 10.25 -15.85 11.53
CA LEU A 53 9.67 -16.73 12.55
C LEU A 53 10.67 -17.74 13.14
N THR A 54 11.61 -18.21 12.31
CA THR A 54 12.67 -19.11 12.76
C THR A 54 13.60 -18.46 13.79
N LYS A 55 13.99 -17.22 13.52
CA LYS A 55 14.82 -16.48 14.46
C LYS A 55 14.05 -16.11 15.72
N ASN A 56 12.78 -15.73 15.57
CA ASN A 56 11.93 -15.43 16.73
C ASN A 56 11.73 -16.67 17.61
N LEU A 57 11.51 -17.83 17.00
CA LEU A 57 11.34 -19.07 17.76
C LEU A 57 12.57 -19.37 18.62
N LYS A 58 13.75 -19.16 18.06
CA LYS A 58 15.00 -19.42 18.77
C LYS A 58 15.08 -18.59 20.05
N VAL A 59 14.79 -17.29 19.93
CA VAL A 59 14.72 -16.38 21.08
C VAL A 59 13.68 -16.85 22.10
N VAL A 60 12.47 -17.16 21.63
CA VAL A 60 11.39 -17.66 22.48
C VAL A 60 11.83 -18.92 23.27
N LYS A 61 12.43 -19.87 22.56
CA LYS A 61 12.92 -21.11 23.19
C LYS A 61 13.96 -20.86 24.28
N GLU A 62 14.86 -19.93 24.02
CA GLU A 62 15.90 -19.55 24.99
C GLU A 62 15.31 -18.96 26.27
N LEU A 63 14.31 -18.09 26.10
CA LEU A 63 13.64 -17.46 27.23
C LEU A 63 12.86 -18.46 28.08
N ILE A 64 12.19 -19.40 27.42
CA ILE A 64 11.45 -20.46 28.14
C ILE A 64 12.44 -21.34 28.90
N SER A 65 13.55 -21.70 28.23
CA SER A 65 14.62 -22.47 28.85
C SER A 65 15.15 -21.79 30.11
N GLU A 66 15.41 -20.49 30.02
CA GLU A 66 15.86 -19.71 31.18
C GLU A 66 14.80 -19.72 32.28
N ALA A 67 13.54 -19.56 31.91
CA ALA A 67 12.43 -19.56 32.86
C ALA A 67 12.38 -20.84 33.68
N ILE A 68 12.52 -21.99 33.02
CA ILE A 68 12.54 -23.30 33.71
C ILE A 68 13.76 -23.42 34.62
N GLN A 69 14.91 -22.96 34.14
CA GLN A 69 16.13 -22.98 34.94
C GLN A 69 15.99 -22.12 36.20
N LYS A 70 15.22 -21.05 36.12
CA LYS A 70 14.96 -20.18 37.26
C LYS A 70 13.74 -20.63 38.07
N LYS A 71 13.17 -21.76 37.67
CA LYS A 71 12.06 -22.41 38.39
C LYS A 71 10.78 -21.58 38.45
N ALA A 72 10.50 -20.85 37.37
CA ALA A 72 9.21 -20.19 37.19
C ALA A 72 8.16 -21.25 36.84
N ASP A 73 6.96 -21.10 37.40
CA ASP A 73 5.88 -22.05 37.13
C ASP A 73 5.20 -21.78 35.80
N VAL A 74 5.13 -20.51 35.42
CA VAL A 74 4.57 -20.09 34.13
C VAL A 74 5.42 -18.95 33.57
N VAL A 75 5.61 -18.94 32.26
CA VAL A 75 6.29 -17.84 31.60
C VAL A 75 5.36 -17.12 30.61
N PHE A 76 5.36 -15.79 30.68
CA PHE A 76 4.48 -14.97 29.85
C PHE A 76 5.31 -14.17 28.84
N LEU A 77 4.98 -14.32 27.57
CA LEU A 77 5.69 -13.66 26.48
C LEU A 77 4.75 -12.69 25.77
N PRO A 78 5.32 -11.69 25.07
CA PRO A 78 4.50 -10.59 24.54
C PRO A 78 3.55 -10.96 23.40
N GLU A 79 2.67 -10.02 23.06
CA GLU A 79 1.90 -10.07 21.84
C GLU A 79 2.87 -10.21 20.67
N ALA A 80 2.46 -10.96 19.65
CA ALA A 80 3.18 -11.02 18.38
C ALA A 80 4.62 -11.54 18.53
N SER A 81 4.77 -12.58 19.35
CA SER A 81 6.07 -13.22 19.58
C SER A 81 6.47 -14.14 18.43
N ASP A 82 5.52 -14.50 17.58
CA ASP A 82 5.86 -15.25 16.35
C ASP A 82 6.45 -14.35 15.27
N TYR A 83 5.82 -13.18 15.07
CA TYR A 83 6.29 -12.21 14.08
C TYR A 83 5.65 -10.84 14.25
N LEU A 84 6.32 -9.81 13.73
CA LEU A 84 5.66 -8.57 13.38
C LEU A 84 5.86 -8.35 11.88
N SER A 85 4.93 -7.62 11.26
CA SER A 85 4.91 -7.52 9.81
C SER A 85 5.01 -6.08 9.30
N GLN A 86 5.32 -5.94 8.02
CA GLN A 86 5.47 -4.63 7.38
C GLN A 86 4.16 -3.95 7.03
N ASN A 87 3.17 -4.73 6.63
CA ASN A 87 1.86 -4.22 6.21
C ASN A 87 0.82 -5.35 6.26
N PRO A 88 -0.46 -5.05 6.01
CA PRO A 88 -1.51 -6.08 6.13
C PRO A 88 -1.34 -7.29 5.22
N LEU A 89 -0.76 -7.10 4.02
CA LEU A 89 -0.50 -8.24 3.13
C LEU A 89 0.62 -9.12 3.70
N HIS A 90 1.67 -8.50 4.22
CA HIS A 90 2.76 -9.22 4.87
C HIS A 90 2.25 -10.04 6.05
N SER A 91 1.35 -9.46 6.85
CA SER A 91 0.79 -10.16 8.00
C SER A 91 0.10 -11.46 7.60
N ARG A 92 -0.73 -11.40 6.57
CA ARG A 92 -1.46 -12.58 6.08
C ARG A 92 -0.49 -13.65 5.58
N TYR A 93 0.58 -13.21 4.92
CA TYR A 93 1.64 -14.08 4.43
C TYR A 93 2.34 -14.79 5.60
N LEU A 94 2.71 -14.04 6.63
CA LEU A 94 3.41 -14.62 7.78
C LEU A 94 2.54 -15.53 8.62
N ALA A 95 1.26 -15.19 8.75
CA ALA A 95 0.31 -16.01 9.52
C ALA A 95 0.21 -17.44 8.98
N GLN A 96 0.45 -17.62 7.69
CA GLN A 96 0.47 -18.96 7.10
C GLN A 96 1.60 -19.83 7.63
N LYS A 97 2.63 -19.19 8.17
CA LYS A 97 3.80 -19.87 8.76
C LYS A 97 3.67 -20.11 10.26
N SER A 98 2.73 -19.42 10.90
CA SER A 98 2.54 -19.52 12.34
C SER A 98 2.12 -20.89 12.89
N PRO A 99 1.25 -21.64 12.16
CA PRO A 99 0.92 -22.97 12.69
C PRO A 99 2.15 -23.87 12.87
N LYS A 100 3.12 -23.81 11.94
CA LYS A 100 4.38 -24.57 12.06
C LYS A 100 5.21 -24.06 13.24
N PHE A 101 5.30 -22.75 13.39
CA PHE A 101 5.90 -22.10 14.57
C PHE A 101 5.30 -22.68 15.86
N ILE A 102 3.97 -22.75 15.91
CA ILE A 102 3.28 -23.23 17.11
C ILE A 102 3.58 -24.72 17.36
N ARG A 103 3.51 -25.53 16.32
CA ARG A 103 3.83 -26.96 16.44
C ARG A 103 5.26 -27.17 16.94
N GLN A 104 6.21 -26.41 16.39
CA GLN A 104 7.60 -26.44 16.84
C GLN A 104 7.76 -25.98 18.29
N LEU A 105 7.01 -24.96 18.68
CA LEU A 105 7.02 -24.47 20.05
C LEU A 105 6.47 -25.52 21.04
N GLN A 106 5.38 -26.17 20.67
CA GLN A 106 4.79 -27.22 21.51
C GLN A 106 5.83 -28.30 21.80
N SER A 107 6.55 -28.73 20.75
CA SER A 107 7.61 -29.74 20.86
C SER A 107 8.77 -29.27 21.72
N SER A 108 9.16 -28.01 21.52
CA SER A 108 10.27 -27.40 22.25
C SER A 108 9.96 -27.35 23.75
N ILE A 109 8.70 -27.02 24.08
CA ILE A 109 8.25 -26.98 25.47
C ILE A 109 8.37 -28.35 26.11
N THR A 110 7.86 -29.39 25.44
CA THR A 110 7.93 -30.75 25.98
C THR A 110 9.37 -31.25 26.09
N ASP A 111 10.21 -30.89 25.12
CA ASP A 111 11.66 -31.22 25.17
C ASP A 111 12.32 -30.60 26.38
N LEU A 112 12.05 -29.32 26.62
CA LEU A 112 12.62 -28.59 27.74
C LEU A 112 12.13 -29.14 29.09
N VAL A 113 10.85 -29.46 29.17
CA VAL A 113 10.26 -30.07 30.36
C VAL A 113 10.90 -31.44 30.66
N ARG A 114 11.08 -32.25 29.62
CA ARG A 114 11.73 -33.56 29.72
C ARG A 114 13.17 -33.43 30.21
N ASP A 115 13.94 -32.55 29.56
CA ASP A 115 15.37 -32.40 29.84
C ASP A 115 15.68 -31.72 31.18
N ASN A 116 14.72 -30.97 31.72
CA ASN A 116 14.90 -30.31 33.00
C ASN A 116 14.18 -31.00 34.16
N SER A 117 13.48 -32.09 33.85
CA SER A 117 12.65 -32.82 34.83
C SER A 117 11.76 -31.90 35.66
N ARG A 118 11.17 -30.92 34.98
CA ARG A 118 10.41 -29.86 35.65
C ARG A 118 9.34 -29.30 34.71
N ASN A 119 8.15 -29.05 35.25
CA ASN A 119 7.04 -28.51 34.47
C ASN A 119 7.09 -27.00 34.32
N ILE A 120 6.65 -26.52 33.15
CA ILE A 120 6.35 -25.08 32.97
C ILE A 120 5.18 -24.94 32.00
N ASP A 121 4.35 -23.92 32.22
CA ASP A 121 3.30 -23.55 31.28
C ASP A 121 3.74 -22.26 30.58
N VAL A 122 3.21 -22.02 29.38
CA VAL A 122 3.63 -20.90 28.55
C VAL A 122 2.43 -20.14 28.02
N SER A 123 2.43 -18.83 28.24
CA SER A 123 1.45 -17.91 27.65
C SER A 123 2.19 -17.03 26.63
N ILE A 124 1.71 -17.03 25.40
CA ILE A 124 2.45 -16.40 24.30
C ILE A 124 1.52 -15.88 23.21
N GLY A 125 1.77 -14.64 22.79
CA GLY A 125 1.01 -14.03 21.69
C GLY A 125 1.54 -14.49 20.35
N VAL A 126 0.64 -14.97 19.50
CA VAL A 126 0.94 -15.37 18.12
C VAL A 126 -0.13 -14.83 17.19
N HIS A 127 -0.02 -15.18 15.91
CA HIS A 127 -1.08 -14.94 14.94
C HIS A 127 -1.53 -16.27 14.33
N LEU A 128 -2.77 -16.34 13.88
CA LEU A 128 -3.26 -17.52 13.17
C LEU A 128 -4.01 -17.10 11.91
N PRO A 129 -3.90 -17.92 10.84
CA PRO A 129 -4.62 -17.56 9.61
C PRO A 129 -6.13 -17.66 9.79
N PRO A 130 -6.90 -17.04 8.87
CA PRO A 130 -8.36 -17.19 8.94
C PRO A 130 -8.81 -18.64 8.71
N SER A 131 -9.98 -18.98 9.25
CA SER A 131 -10.57 -20.30 9.04
C SER A 131 -11.30 -20.35 7.69
N GLU A 132 -11.65 -21.56 7.27
CA GLU A 132 -12.50 -21.76 6.08
C GLU A 132 -13.80 -20.97 6.19
N GLN A 133 -14.44 -21.03 7.36
CA GLN A 133 -15.67 -20.27 7.60
C GLN A 133 -15.45 -18.76 7.48
N ASP A 134 -14.34 -18.27 8.03
CA ASP A 134 -13.94 -16.87 7.86
C ASP A 134 -13.87 -16.50 6.37
N LEU A 135 -13.12 -17.29 5.62
CA LEU A 135 -12.90 -17.03 4.19
C LEU A 135 -14.22 -17.05 3.42
N LEU A 136 -15.08 -18.00 3.77
CA LEU A 136 -16.41 -18.11 3.19
C LEU A 136 -17.23 -16.83 3.41
N GLU A 137 -17.00 -16.17 4.54
CA GLU A 137 -17.69 -14.92 4.87
C GLU A 137 -16.95 -13.68 4.36
N GLY A 138 -15.91 -13.89 3.55
CA GLY A 138 -15.12 -12.79 3.01
C GLY A 138 -14.14 -12.15 3.98
N ASN A 139 -13.79 -12.89 5.04
CA ASN A 139 -12.88 -12.39 6.06
C ASN A 139 -11.54 -13.15 5.99
N ASP A 140 -10.57 -12.58 5.27
CA ASP A 140 -9.25 -13.19 5.12
C ASP A 140 -8.22 -12.61 6.09
N ARG A 141 -8.69 -11.94 7.14
CA ARG A 141 -7.80 -11.31 8.10
C ARG A 141 -7.26 -12.33 9.10
N VAL A 142 -6.11 -12.02 9.68
CA VAL A 142 -5.45 -12.95 10.61
C VAL A 142 -6.06 -12.80 12.00
N ARG A 143 -5.91 -13.83 12.83
CA ARG A 143 -6.36 -13.80 14.22
C ARG A 143 -5.17 -13.43 15.11
N ASN A 144 -5.33 -12.40 15.95
CA ASN A 144 -4.31 -12.04 16.93
C ASN A 144 -4.63 -12.82 18.19
N VAL A 145 -3.83 -13.85 18.47
CA VAL A 145 -4.21 -14.86 19.46
C VAL A 145 -3.20 -15.00 20.61
N LEU A 146 -3.71 -15.04 21.83
CA LEU A 146 -2.90 -15.36 22.99
C LEU A 146 -3.11 -16.84 23.34
N LEU A 147 -2.04 -17.61 23.19
CA LEU A 147 -2.05 -19.04 23.46
C LEU A 147 -1.61 -19.33 24.89
N TYR A 148 -2.32 -20.23 25.54
CA TYR A 148 -1.84 -20.82 26.78
C TYR A 148 -1.51 -22.29 26.48
N ILE A 149 -0.25 -22.66 26.71
CA ILE A 149 0.22 -24.01 26.42
C ILE A 149 0.76 -24.63 27.70
N ASP A 150 0.31 -25.83 28.04
CA ASP A 150 0.75 -26.46 29.29
C ASP A 150 2.05 -27.27 29.11
N HIS A 151 2.54 -27.86 30.19
CA HIS A 151 3.81 -28.60 30.20
C HIS A 151 3.85 -29.83 29.28
N GLU A 152 2.67 -30.30 28.88
CA GLU A 152 2.57 -31.42 27.95
C GLU A 152 2.47 -30.94 26.49
N GLY A 153 2.62 -29.64 26.29
CA GLY A 153 2.50 -29.06 24.95
C GLY A 153 1.06 -28.90 24.47
N LYS A 154 0.10 -29.07 25.37
CA LYS A 154 -1.32 -28.98 25.02
C LYS A 154 -1.77 -27.52 25.05
N ILE A 155 -2.41 -27.08 23.97
CA ILE A 155 -3.00 -25.75 23.93
C ILE A 155 -4.30 -25.76 24.73
N LEU A 156 -4.35 -24.98 25.81
CA LEU A 156 -5.54 -24.91 26.66
C LEU A 156 -6.48 -23.79 26.26
N GLN A 157 -5.93 -22.71 25.69
CA GLN A 157 -6.75 -21.57 25.30
C GLN A 157 -6.13 -20.84 24.11
N GLU A 158 -7.00 -20.37 23.23
CA GLU A 158 -6.64 -19.46 22.17
C GLU A 158 -7.55 -18.25 22.30
N TYR A 159 -7.06 -17.22 22.98
CA TYR A 159 -7.83 -15.99 23.15
C TYR A 159 -7.61 -15.07 21.95
N GLN A 160 -8.66 -14.82 21.20
CA GLN A 160 -8.59 -13.92 20.04
C GLN A 160 -8.89 -12.48 20.46
N LYS A 161 -7.92 -11.59 20.22
CA LYS A 161 -7.96 -10.20 20.64
C LYS A 161 -9.27 -9.49 20.30
N LEU A 162 -9.87 -8.87 21.33
CA LEU A 162 -11.19 -8.26 21.22
C LEU A 162 -11.19 -6.81 20.73
N HIS A 163 -10.26 -6.00 21.26
CA HIS A 163 -10.19 -4.57 20.95
C HIS A 163 -8.95 -4.30 20.08
N LEU A 164 -9.17 -3.93 18.83
CA LEU A 164 -8.06 -3.79 17.90
C LEU A 164 -7.50 -2.39 17.88
N PHE A 165 -6.20 -2.29 17.64
CA PHE A 165 -5.49 -1.03 17.73
C PHE A 165 -5.69 -0.19 16.47
N ASP A 166 -6.77 0.60 16.47
CA ASP A 166 -7.06 1.56 15.41
C ASP A 166 -6.97 2.97 15.98
N VAL A 167 -5.79 3.57 15.86
CA VAL A 167 -5.46 4.82 16.55
C VAL A 167 -4.60 5.73 15.66
N ASP A 168 -4.94 7.02 15.64
CA ASP A 168 -4.04 8.05 15.12
C ASP A 168 -3.09 8.45 16.25
N VAL A 169 -1.87 7.92 16.21
CA VAL A 169 -0.87 8.17 17.28
C VAL A 169 -0.49 9.65 17.28
N PRO A 170 -0.51 10.31 18.46
CA PRO A 170 -0.14 11.72 18.58
C PRO A 170 1.30 11.97 18.11
N ASN A 171 1.46 12.89 17.16
CA ASN A 171 2.74 13.14 16.49
C ASN A 171 3.37 11.82 16.02
N GLY A 172 2.58 11.04 15.31
CA GLY A 172 2.99 9.71 14.87
C GLY A 172 2.14 9.17 13.74
N PRO A 173 2.27 7.86 13.45
CA PRO A 173 1.55 7.29 12.31
C PRO A 173 0.08 6.99 12.61
N ILE A 174 -0.73 6.93 11.56
CA ILE A 174 -2.08 6.39 11.66
C ILE A 174 -1.97 4.88 11.57
N LEU A 175 -2.39 4.18 12.63
CA LEU A 175 -2.33 2.73 12.65
C LEU A 175 -3.73 2.14 12.65
N LYS A 176 -3.94 1.11 11.83
CA LYS A 176 -5.23 0.45 11.73
C LYS A 176 -5.05 -1.07 11.73
N GLU A 177 -5.01 -1.64 12.93
CA GLU A 177 -4.86 -3.09 13.11
C GLU A 177 -5.98 -3.88 12.41
N SER A 178 -7.19 -3.32 12.38
CA SER A 178 -8.36 -4.00 11.81
C SER A 178 -8.23 -4.28 10.31
N LYS A 179 -7.26 -3.63 9.65
CA LYS A 179 -6.95 -3.92 8.25
C LYS A 179 -6.28 -5.28 8.07
N SER A 180 -5.56 -5.75 9.08
CA SER A 180 -4.88 -7.03 8.97
C SER A 180 -5.45 -8.11 9.89
N VAL A 181 -6.08 -7.65 10.98
CA VAL A 181 -6.54 -8.53 12.04
C VAL A 181 -8.07 -8.48 12.18
N GLN A 182 -8.67 -9.65 12.37
CA GLN A 182 -10.12 -9.76 12.63
C GLN A 182 -10.36 -9.79 14.15
N PRO A 183 -11.36 -9.03 14.62
CA PRO A 183 -11.64 -9.01 16.06
C PRO A 183 -12.24 -10.33 16.57
N GLY A 184 -11.90 -10.70 17.81
CA GLY A 184 -12.47 -11.86 18.45
C GLY A 184 -13.94 -11.67 18.79
N LYS A 185 -14.61 -12.75 19.13
CA LYS A 185 -16.03 -12.70 19.44
C LYS A 185 -16.35 -13.39 20.76
N ALA A 186 -15.32 -13.67 21.55
CA ALA A 186 -15.47 -14.39 22.81
C ALA A 186 -14.72 -13.76 23.96
N ILE A 187 -15.34 -13.76 25.14
CA ILE A 187 -14.64 -13.41 26.37
C ILE A 187 -13.82 -14.64 26.81
N PRO A 188 -12.52 -14.46 27.06
CA PRO A 188 -11.68 -15.61 27.43
C PRO A 188 -12.04 -16.17 28.80
N ASP A 189 -12.07 -17.50 28.87
CA ASP A 189 -12.30 -18.22 30.13
C ASP A 189 -11.14 -18.01 31.09
N ILE A 190 -11.45 -18.05 32.38
CA ILE A 190 -10.42 -17.99 33.41
C ILE A 190 -9.63 -19.29 33.37
N ILE A 191 -8.31 -19.17 33.33
CA ILE A 191 -7.43 -20.32 33.28
C ILE A 191 -6.96 -20.67 34.69
N GLU A 192 -7.13 -21.92 35.10
CA GLU A 192 -6.61 -22.36 36.39
C GLU A 192 -5.14 -22.76 36.24
N SER A 193 -4.26 -21.75 36.33
CA SER A 193 -2.83 -21.95 36.11
C SER A 193 -2.12 -22.33 37.41
N PRO A 194 -0.87 -22.85 37.30
CA PRO A 194 -0.06 -23.15 38.49
C PRO A 194 0.10 -21.95 39.43
N LEU A 195 -0.11 -20.75 38.92
CA LEU A 195 0.03 -19.51 39.71
C LEU A 195 -1.27 -19.09 40.39
N GLY A 196 -2.38 -19.62 39.92
CA GLY A 196 -3.71 -19.18 40.36
C GLY A 196 -4.59 -18.87 39.16
N LYS A 197 -5.74 -18.25 39.44
CA LYS A 197 -6.74 -17.98 38.41
C LYS A 197 -6.30 -16.83 37.50
N LEU A 198 -6.18 -17.14 36.21
CA LEU A 198 -5.60 -16.23 35.24
C LEU A 198 -6.62 -15.68 34.26
N GLY A 199 -6.65 -14.35 34.15
CA GLY A 199 -7.46 -13.65 33.15
C GLY A 199 -6.57 -13.15 32.03
N SER A 200 -6.95 -13.43 30.80
CA SER A 200 -6.12 -13.11 29.64
C SER A 200 -6.63 -11.92 28.84
N ALA A 201 -5.70 -11.10 28.37
CA ALA A 201 -6.02 -9.96 27.53
C ALA A 201 -4.81 -9.66 26.65
N ILE A 202 -5.02 -8.83 25.63
CA ILE A 202 -3.94 -8.41 24.75
C ILE A 202 -3.98 -6.91 24.58
N TYR A 204 -4.12 -3.35 23.51
CA TYR A 204 -5.19 -2.36 23.58
C TYR A 204 -6.43 -2.73 24.44
N ASP A 205 -6.64 -4.04 24.61
CA ASP A 205 -7.64 -4.52 25.59
C ASP A 205 -7.52 -3.82 26.95
N ILE A 206 -6.29 -3.46 27.32
CA ILE A 206 -5.99 -2.82 28.61
C ILE A 206 -6.72 -1.48 28.81
N ARG A 207 -7.10 -0.84 27.71
CA ARG A 207 -7.72 0.50 27.77
C ARG A 207 -9.22 0.47 28.08
N PHE A 208 -9.78 -0.73 28.12
CA PHE A 208 -11.22 -0.93 28.29
C PHE A 208 -11.50 -1.56 29.64
N PRO A 209 -11.69 -0.73 30.68
CA PRO A 209 -11.71 -1.24 32.06
C PRO A 209 -12.77 -2.30 32.32
N GLU A 210 -13.90 -2.22 31.61
CA GLU A 210 -14.99 -3.19 31.78
C GLU A 210 -14.52 -4.63 31.50
N PHE A 211 -13.54 -4.77 30.61
CA PHE A 211 -12.97 -6.08 30.31
C PHE A 211 -12.24 -6.65 31.52
N SER A 212 -11.31 -5.88 32.08
CA SER A 212 -10.58 -6.33 33.28
C SER A 212 -11.54 -6.58 34.46
N LEU A 213 -12.53 -5.72 34.60
CA LEU A 213 -13.58 -5.89 35.64
C LEU A 213 -14.31 -7.22 35.48
N LYS A 214 -14.69 -7.56 34.26
CA LYS A 214 -15.35 -8.83 33.93
C LYS A 214 -14.45 -10.03 34.31
N LEU A 215 -13.17 -9.94 33.94
CA LEU A 215 -12.22 -11.02 34.30
C LEU A 215 -12.15 -11.24 35.81
N ARG A 216 -12.03 -10.16 36.57
CA ARG A 216 -12.09 -10.27 38.03
C ARG A 216 -13.43 -10.87 38.50
N SER A 217 -14.54 -10.35 37.98
CA SER A 217 -15.87 -10.87 38.31
C SER A 217 -15.99 -12.38 38.09
N MET A 218 -15.31 -12.89 37.07
CA MET A 218 -15.33 -14.33 36.77
C MET A 218 -14.39 -15.14 37.67
N GLY A 219 -13.51 -14.45 38.39
CA GLY A 219 -12.65 -15.11 39.38
C GLY A 219 -11.15 -14.91 39.23
N ALA A 220 -10.74 -14.07 38.29
CA ALA A 220 -9.30 -13.80 38.09
C ALA A 220 -8.61 -13.33 39.37
N GLU A 221 -7.38 -13.83 39.56
CA GLU A 221 -6.46 -13.37 40.60
C GLU A 221 -5.27 -12.69 39.94
N ILE A 222 -5.05 -13.03 38.68
CA ILE A 222 -3.92 -12.54 37.90
C ILE A 222 -4.44 -12.12 36.51
N LEU A 223 -4.01 -10.95 36.05
CA LEU A 223 -4.30 -10.49 34.68
C LEU A 223 -3.00 -10.38 33.90
N CYS A 224 -3.05 -10.69 32.61
CA CYS A 224 -1.89 -10.44 31.75
C CYS A 224 -2.26 -9.58 30.56
N PHE A 225 -1.34 -8.69 30.19
CA PHE A 225 -1.54 -7.83 29.02
C PHE A 225 -0.32 -7.88 28.11
N PRO A 226 -0.03 -9.04 27.50
CA PRO A 226 1.05 -9.11 26.50
C PRO A 226 0.80 -8.08 25.40
N SER A 227 1.85 -7.35 25.04
CA SER A 227 1.70 -6.13 24.26
C SER A 227 2.84 -5.86 23.29
N ALA A 228 2.51 -5.17 22.21
CA ALA A 228 3.49 -4.43 21.42
C ALA A 228 3.04 -2.97 21.46
N PHE A 229 3.52 -2.24 22.48
CA PHE A 229 3.05 -0.90 22.79
C PHE A 229 3.93 0.14 22.13
N THR A 230 3.32 1.22 21.63
CA THR A 230 4.05 2.32 20.98
C THR A 230 4.90 3.11 21.98
N ILE A 231 5.92 3.80 21.46
CA ILE A 231 6.76 4.68 22.26
C ILE A 231 5.95 5.85 22.85
N LYS A 232 5.19 6.52 22.00
CA LYS A 232 4.43 7.72 22.39
C LYS A 232 3.40 7.42 23.47
N THR A 233 2.55 6.44 23.25
CA THR A 233 1.55 6.08 24.26
C THR A 233 2.15 5.28 25.41
N GLY A 234 3.25 4.56 25.15
CA GLY A 234 3.97 3.84 26.20
C GLY A 234 4.49 4.77 27.29
N GLU A 235 5.25 5.78 26.87
CA GLU A 235 5.79 6.77 27.81
C GLU A 235 4.68 7.43 28.63
N ALA A 236 3.56 7.72 27.98
CA ALA A 236 2.42 8.36 28.64
C ALA A 236 1.66 7.43 29.59
N HIS A 237 1.27 6.25 29.10
CA HIS A 237 0.22 5.48 29.74
C HIS A 237 0.53 4.03 30.16
N TRP A 238 1.63 3.45 29.69
CA TRP A 238 1.93 2.02 29.94
C TRP A 238 1.93 1.66 31.42
N GLU A 239 2.71 2.39 32.22
CA GLU A 239 2.79 2.12 33.65
C GLU A 239 1.49 2.50 34.36
N LEU A 240 0.89 3.61 33.93
CA LEU A 240 -0.37 4.07 34.51
C LEU A 240 -1.46 3.01 34.35
N LEU A 241 -1.62 2.48 33.13
CA LEU A 241 -2.70 1.55 32.82
C LEU A 241 -2.52 0.23 33.55
N GLY A 242 -1.29 -0.24 33.61
CA GLY A 242 -0.98 -1.49 34.31
C GLY A 242 -1.28 -1.40 35.79
N ARG A 243 -0.83 -0.31 36.41
CA ARG A 243 -1.07 -0.08 37.83
C ARG A 243 -2.56 0.15 38.08
N ALA A 244 -3.22 0.91 37.19
CA ALA A 244 -4.67 1.15 37.31
C ALA A 244 -5.47 -0.15 37.29
N ARG A 245 -5.20 -1.00 36.32
CA ARG A 245 -5.90 -2.28 36.22
C ARG A 245 -5.67 -3.14 37.47
N ALA A 246 -4.44 -3.15 37.99
CA ALA A 246 -4.11 -3.90 39.20
C ALA A 246 -4.94 -3.39 40.38
N VAL A 247 -4.96 -2.08 40.56
CA VAL A 247 -5.68 -1.47 41.70
C VAL A 247 -7.21 -1.62 41.54
N ASP A 248 -7.71 -1.42 40.31
CA ASP A 248 -9.13 -1.59 40.00
C ASP A 248 -9.65 -2.98 40.36
N THR A 249 -8.85 -4.01 40.07
CA THR A 249 -9.33 -5.39 40.12
C THR A 249 -8.78 -6.18 41.30
N GLN A 250 -7.82 -5.59 42.02
CA GLN A 250 -7.12 -6.25 43.12
C GLN A 250 -6.53 -7.57 42.64
N CYS A 251 -5.85 -7.49 41.50
CA CYS A 251 -5.16 -8.62 40.89
C CYS A 251 -3.70 -8.29 40.69
N TYR A 252 -2.86 -9.32 40.65
CA TYR A 252 -1.52 -9.18 40.11
C TYR A 252 -1.68 -8.92 38.63
N VAL A 253 -0.81 -8.07 38.08
CA VAL A 253 -0.85 -7.73 36.67
C VAL A 253 0.52 -7.99 36.06
N LEU A 254 0.52 -8.77 34.98
CA LEU A 254 1.74 -9.14 34.27
C LEU A 254 1.75 -8.42 32.94
N MET A 255 2.85 -7.75 32.65
CA MET A 255 2.95 -6.93 31.44
CA MET A 255 2.94 -6.90 31.46
C MET A 255 4.16 -7.30 30.58
N PRO A 256 4.02 -8.35 29.75
CA PRO A 256 5.09 -8.70 28.83
C PRO A 256 5.04 -7.80 27.60
N GLY A 257 6.12 -7.08 27.33
CA GLY A 257 6.12 -6.14 26.22
C GLY A 257 7.22 -6.36 25.21
N GLN A 258 6.90 -6.09 23.95
CA GLN A 258 7.87 -5.90 22.88
C GLN A 258 8.72 -4.68 23.23
N VAL A 259 9.97 -4.68 22.77
CA VAL A 259 10.88 -3.56 22.99
C VAL A 259 11.72 -3.34 21.74
N GLY A 260 12.18 -2.11 21.54
CA GLY A 260 13.21 -1.79 20.55
C GLY A 260 12.72 -1.55 19.14
N MET A 261 13.65 -1.28 18.23
CA MET A 261 13.36 -1.10 16.81
CA MET A 261 13.33 -1.09 16.82
C MET A 261 13.30 -2.44 16.11
N HIS A 262 12.13 -2.80 15.59
CA HIS A 262 11.93 -4.10 14.95
C HIS A 262 12.52 -4.19 13.55
N ASP A 263 13.21 -5.29 13.28
CA ASP A 263 13.73 -5.59 11.94
C ASP A 263 12.67 -6.40 11.20
N LEU A 264 11.95 -5.74 10.33
CA LEU A 264 10.82 -6.34 9.67
C LEU A 264 11.13 -6.91 8.27
N SER A 265 12.40 -6.93 7.93
CA SER A 265 12.84 -7.39 6.63
C SER A 265 12.46 -8.82 6.27
N ASP A 266 12.08 -8.98 5.03
CA ASP A 266 11.67 -10.27 4.50
C ASP A 266 11.99 -10.35 2.96
N PRO A 267 13.25 -10.54 2.57
CA PRO A 267 13.63 -10.41 1.16
C PRO A 267 12.83 -11.38 0.28
N GLU A 268 12.58 -12.59 0.77
CA GLU A 268 11.83 -13.50 -0.06
C GLU A 268 10.36 -12.98 -0.32
N TRP A 269 9.75 -12.46 0.70
CA TRP A 269 8.42 -11.88 0.53
C TRP A 269 8.47 -10.57 -0.29
N GLU A 270 9.50 -9.76 -0.04
CA GLU A 270 9.69 -8.51 -0.79
C GLU A 270 9.85 -8.78 -2.28
N LYS A 271 10.59 -9.84 -2.62
CA LYS A 271 10.72 -10.32 -4.01
C LYS A 271 9.36 -10.72 -4.59
N GLN A 272 8.65 -11.58 -3.86
CA GLN A 272 7.35 -12.09 -4.31
C GLN A 272 6.33 -10.96 -4.53
N SER A 273 6.39 -9.96 -3.66
CA SER A 273 5.47 -8.82 -3.70
C SER A 273 5.89 -7.71 -4.66
N HIS A 274 7.06 -7.87 -5.28
CA HIS A 274 7.65 -6.85 -6.15
C HIS A 274 7.76 -5.48 -5.46
N MET A 275 8.40 -5.49 -4.29
CA MET A 275 8.56 -4.27 -3.48
CA MET A 275 8.55 -4.26 -3.52
C MET A 275 9.90 -3.57 -3.79
N SER A 276 9.83 -2.26 -4.00
CA SER A 276 11.02 -1.45 -4.21
C SER A 276 11.67 -1.16 -2.86
N ALA A 277 12.98 -0.93 -2.86
CA ALA A 277 13.70 -0.57 -1.64
C ALA A 277 13.07 0.63 -0.94
N LEU A 278 12.42 1.48 -1.73
CA LEU A 278 11.72 2.67 -1.23
C LEU A 278 10.59 2.31 -0.26
N GLU A 279 9.89 1.21 -0.57
CA GLU A 279 8.79 0.76 0.28
C GLU A 279 9.23 -0.29 1.32
N LYS A 280 10.53 -0.60 1.33
CA LYS A 280 11.06 -1.70 2.15
C LYS A 280 11.32 -1.37 3.63
N SER A 281 11.73 -0.13 3.91
CA SER A 281 12.11 0.25 5.28
C SER A 281 10.91 0.38 6.22
N SER A 282 11.12 -0.05 7.45
CA SER A 282 10.05 -0.17 8.45
C SER A 282 10.62 0.16 9.82
N ARG A 283 10.19 1.27 10.41
CA ARG A 283 10.85 1.77 11.56
C ARG A 283 10.03 1.62 12.85
N ARG A 284 9.25 0.56 12.93
CA ARG A 284 8.41 0.31 14.09
C ARG A 284 9.26 0.14 15.36
N GLU A 285 8.85 0.81 16.43
CA GLU A 285 9.55 0.76 17.71
C GLU A 285 8.55 0.50 18.84
N SER A 286 8.92 -0.36 19.77
CA SER A 286 8.05 -0.72 20.90
C SER A 286 8.64 -0.27 22.25
N TRP A 287 7.76 -0.04 23.21
CA TRP A 287 8.10 0.65 24.47
C TRP A 287 8.91 -0.17 25.47
N GLY A 288 8.67 -1.48 25.52
CA GLY A 288 9.31 -2.34 26.51
C GLY A 288 8.79 -2.06 27.90
N HIS A 289 9.72 -1.87 28.85
CA HIS A 289 9.37 -1.63 30.26
C HIS A 289 8.43 -2.71 30.81
N SER A 290 8.71 -3.97 30.47
CA SER A 290 7.95 -5.12 30.97
C SER A 290 7.99 -5.13 32.50
N MET A 291 6.88 -5.49 33.12
CA MET A 291 6.78 -5.41 34.57
C MET A 291 5.78 -6.36 35.18
N VAL A 292 5.89 -6.54 36.51
CA VAL A 292 4.93 -7.29 37.31
C VAL A 292 4.45 -6.33 38.40
N ILE A 293 3.13 -6.27 38.58
CA ILE A 293 2.52 -5.33 39.53
C ILE A 293 1.66 -6.10 40.53
N ASP A 294 1.75 -5.73 41.81
CA ASP A 294 0.94 -6.40 42.84
C ASP A 294 -0.48 -5.79 42.93
N PRO A 295 -1.39 -6.46 43.66
CA PRO A 295 -2.80 -6.01 43.69
C PRO A 295 -3.03 -4.64 44.34
N TRP A 296 -1.97 -4.07 44.93
CA TRP A 296 -2.03 -2.74 45.54
C TRP A 296 -1.44 -1.66 44.61
N GLY A 297 -0.96 -2.11 43.44
CA GLY A 297 -0.40 -1.22 42.43
C GLY A 297 1.10 -1.00 42.54
N LYS A 298 1.76 -1.82 43.37
CA LYS A 298 3.22 -1.70 43.53
C LYS A 298 3.92 -2.52 42.46
N ILE A 299 4.85 -1.88 41.76
CA ILE A 299 5.68 -2.59 40.77
C ILE A 299 6.70 -3.43 41.53
N ILE A 300 6.64 -4.75 41.35
CA ILE A 300 7.52 -5.66 42.10
C ILE A 300 8.63 -6.27 41.26
N ALA A 301 8.53 -6.13 39.94
CA ALA A 301 9.59 -6.53 39.01
C ALA A 301 9.48 -5.68 37.76
N HIS A 302 10.62 -5.34 37.15
CA HIS A 302 10.64 -4.42 36.02
C HIS A 302 11.85 -4.72 35.14
N ALA A 303 11.67 -4.62 33.82
CA ALA A 303 12.77 -4.85 32.87
C ALA A 303 13.94 -3.89 33.10
N ASP A 304 15.15 -4.38 32.87
CA ASP A 304 16.36 -3.58 32.90
C ASP A 304 16.42 -2.70 31.66
N PRO A 305 16.35 -1.36 31.83
CA PRO A 305 16.32 -0.46 30.67
C PRO A 305 17.63 -0.40 29.87
N SER A 306 18.69 -1.00 30.39
CA SER A 306 20.02 -0.94 29.76
C SER A 306 20.20 -1.92 28.60
N THR A 307 19.25 -2.83 28.44
CA THR A 307 19.28 -3.82 27.37
C THR A 307 18.05 -3.66 26.48
N VAL A 308 18.25 -3.65 25.16
CA VAL A 308 17.13 -3.61 24.22
C VAL A 308 16.96 -4.97 23.52
N GLY A 309 17.72 -5.95 23.99
CA GLY A 309 17.56 -7.33 23.54
C GLY A 309 16.59 -8.08 24.43
N PRO A 310 16.43 -9.40 24.18
CA PRO A 310 15.53 -10.22 25.00
C PRO A 310 15.98 -10.33 26.46
N GLN A 311 15.01 -10.29 27.38
CA GLN A 311 15.31 -10.46 28.80
C GLN A 311 14.11 -11.03 29.56
N LEU A 312 14.41 -11.67 30.67
CA LEU A 312 13.39 -12.29 31.51
C LEU A 312 13.39 -11.61 32.88
N ILE A 313 12.20 -11.27 33.36
CA ILE A 313 12.06 -10.79 34.73
C ILE A 313 11.26 -11.80 35.55
N LEU A 314 11.57 -11.87 36.84
CA LEU A 314 10.95 -12.86 37.72
C LEU A 314 10.30 -12.18 38.91
N ALA A 315 9.21 -12.76 39.39
CA ALA A 315 8.55 -12.25 40.59
C ALA A 315 7.90 -13.41 41.32
N ASP A 316 7.81 -13.29 42.64
CA ASP A 316 7.10 -14.29 43.43
C ASP A 316 5.75 -13.71 43.84
N LEU A 317 4.68 -14.43 43.53
CA LEU A 317 3.34 -13.95 43.76
C LEU A 317 2.80 -14.50 45.07
N ASP A 318 2.17 -13.63 45.85
CA ASP A 318 1.77 -13.92 47.22
C ASP A 318 0.25 -13.92 47.35
N ARG A 319 -0.33 -15.12 47.32
CA ARG A 319 -1.77 -15.31 47.44
C ARG A 319 -2.35 -14.71 48.73
N GLU A 320 -1.59 -14.78 49.82
CA GLU A 320 -2.03 -14.26 51.11
C GLU A 320 -2.12 -12.73 51.10
N LEU A 321 -1.21 -12.07 50.38
CA LEU A 321 -1.27 -10.63 50.21
C LEU A 321 -2.52 -10.26 49.41
N LEU A 322 -2.77 -10.97 48.32
CA LEU A 322 -3.93 -10.75 47.48
C LEU A 322 -5.24 -10.91 48.27
N GLN A 323 -5.30 -11.97 49.07
CA GLN A 323 -6.48 -12.23 49.90
C GLN A 323 -6.68 -11.17 50.98
N GLU A 324 -5.59 -10.77 51.64
CA GLU A 324 -5.61 -9.68 52.63
C GLU A 324 -6.14 -8.36 52.02
N ILE A 325 -5.60 -8.00 50.85
CA ILE A 325 -6.03 -6.78 50.15
C ILE A 325 -7.53 -6.80 49.85
N ARG A 326 -8.02 -7.94 49.35
CA ARG A 326 -9.44 -8.10 49.02
C ARG A 326 -10.34 -8.11 50.27
N ASN A 327 -9.85 -8.70 51.36
CA ASN A 327 -10.57 -8.72 52.62
CA ASN A 327 -10.60 -8.72 52.61
C ASN A 327 -10.74 -7.33 53.24
N LYS A 328 -9.66 -6.54 53.21
CA LYS A 328 -9.64 -5.20 53.81
C LYS A 328 -10.47 -4.18 53.03
N MET A 329 -10.52 -4.37 51.70
CA MET A 329 -11.29 -3.49 50.84
C MET A 329 -12.15 -4.34 49.90
N PRO A 330 -13.32 -4.80 50.39
CA PRO A 330 -14.08 -5.81 49.65
C PRO A 330 -14.89 -5.25 48.48
N LEU A 331 -14.19 -4.72 47.48
CA LEU A 331 -14.81 -4.03 46.34
C LEU A 331 -15.88 -4.88 45.64
N TRP A 332 -15.61 -6.18 45.50
CA TRP A 332 -16.56 -7.05 44.80
C TRP A 332 -17.83 -7.40 45.60
N ASN A 333 -17.87 -7.00 46.87
CA ASN A 333 -19.09 -7.07 47.69
C ASN A 333 -19.84 -5.74 47.72
N GLN A 334 -19.32 -4.74 47.04
CA GLN A 334 -19.80 -3.37 47.18
C GLN A 334 -20.28 -2.70 45.90
N ARG A 335 -20.34 -3.44 44.80
CA ARG A 335 -20.72 -2.93 43.48
C ARG A 335 -22.22 -2.62 43.38
N ARG A 336 -22.59 -1.66 42.56
CA ARG A 336 -24.00 -1.33 42.37
C ARG A 336 -24.50 -1.97 41.07
N ASP A 337 -24.64 -3.28 41.06
CA ASP A 337 -25.10 -4.06 39.92
C ASP A 337 -26.58 -3.66 39.63
N ASP A 338 -27.27 -3.16 40.66
CA ASP A 338 -28.63 -2.65 40.47
C ASP A 338 -28.71 -1.44 39.52
N LEU A 339 -27.57 -0.77 39.31
CA LEU A 339 -27.51 0.43 38.48
C LEU A 339 -26.59 0.31 37.27
N PHE A 340 -25.48 -0.42 37.43
CA PHE A 340 -24.49 -0.57 36.36
C PHE A 340 -24.48 -2.02 35.87
N HIS A 341 -24.45 -2.16 34.54
CA HIS A 341 -24.69 -3.44 33.85
C HIS A 341 -26.14 -3.87 34.00
N LEU B 39 -17.17 -10.21 -14.00
CA LEU B 39 -16.38 -10.80 -15.08
C LEU B 39 -16.05 -12.27 -14.85
N LYS B 40 -16.05 -13.03 -15.94
CA LYS B 40 -15.95 -14.46 -15.84
C LYS B 40 -15.13 -15.19 -16.93
N ARG B 41 -14.63 -14.47 -17.90
CA ARG B 41 -13.92 -15.11 -18.98
C ARG B 41 -12.39 -15.20 -18.81
N VAL B 42 -11.85 -16.37 -19.01
CA VAL B 42 -10.41 -16.61 -18.95
C VAL B 42 -9.90 -17.01 -20.33
N ALA B 43 -8.65 -16.63 -20.62
CA ALA B 43 -7.94 -17.13 -21.79
C ALA B 43 -6.73 -17.92 -21.32
N VAL B 44 -6.47 -19.04 -21.96
CA VAL B 44 -5.29 -19.85 -21.68
C VAL B 44 -4.52 -19.99 -22.99
N ALA B 45 -3.25 -19.59 -22.95
CA ALA B 45 -2.41 -19.58 -24.16
C ALA B 45 -1.52 -20.81 -24.24
N GLN B 46 -1.33 -21.29 -25.46
CA GLN B 46 -0.41 -22.36 -25.75
C GLN B 46 0.59 -21.81 -26.77
N LEU B 47 1.88 -22.04 -26.55
CA LEU B 47 2.91 -21.52 -27.45
C LEU B 47 4.14 -22.41 -27.50
N CYS B 48 5.13 -22.01 -28.32
CA CYS B 48 6.36 -22.78 -28.50
C CYS B 48 7.57 -21.84 -28.38
N SER B 49 8.07 -21.66 -27.17
CA SER B 49 9.18 -20.73 -26.95
C SER B 49 10.45 -21.13 -27.71
N SER B 50 11.08 -20.13 -28.30
CA SER B 50 12.41 -20.28 -28.86
C SER B 50 13.42 -19.70 -27.85
N ALA B 51 14.69 -19.63 -28.24
CA ALA B 51 15.70 -18.94 -27.43
C ALA B 51 15.82 -17.45 -27.76
N ASP B 52 14.99 -16.99 -28.70
CA ASP B 52 14.97 -15.59 -29.13
C ASP B 52 13.86 -14.81 -28.41
N LEU B 53 14.25 -13.99 -27.43
CA LEU B 53 13.27 -13.28 -26.59
C LEU B 53 12.42 -12.26 -27.36
N THR B 54 13.03 -11.64 -28.37
CA THR B 54 12.34 -10.67 -29.24
C THR B 54 11.20 -11.35 -30.01
N LYS B 55 11.50 -12.51 -30.60
CA LYS B 55 10.49 -13.29 -31.31
C LYS B 55 9.41 -13.82 -30.36
N ASN B 56 9.83 -14.31 -29.20
CA ASN B 56 8.88 -14.78 -28.18
C ASN B 56 7.95 -13.68 -27.70
N LEU B 57 8.49 -12.48 -27.48
CA LEU B 57 7.67 -11.34 -27.04
C LEU B 57 6.61 -10.98 -28.08
N LYS B 58 7.00 -11.04 -29.36
CA LYS B 58 6.08 -10.83 -30.48
C LYS B 58 4.86 -11.75 -30.35
N VAL B 59 5.12 -13.05 -30.19
CA VAL B 59 4.07 -14.06 -30.04
C VAL B 59 3.20 -13.78 -28.81
N VAL B 60 3.86 -13.50 -27.68
CA VAL B 60 3.16 -13.17 -26.43
C VAL B 60 2.21 -11.96 -26.59
N LYS B 61 2.72 -10.90 -27.20
CA LYS B 61 1.93 -9.69 -27.47
C LYS B 61 0.70 -9.97 -28.35
N GLU B 62 0.88 -10.80 -29.39
CA GLU B 62 -0.23 -11.18 -30.28
C GLU B 62 -1.32 -11.98 -29.55
N LEU B 63 -0.89 -12.89 -28.68
CA LEU B 63 -1.84 -13.67 -27.87
C LEU B 63 -2.61 -12.80 -26.88
N ILE B 64 -1.92 -11.85 -26.26
CA ILE B 64 -2.58 -10.93 -25.33
C ILE B 64 -3.61 -10.07 -26.10
N SER B 65 -3.22 -9.57 -27.26
CA SER B 65 -4.12 -8.80 -28.13
C SER B 65 -5.35 -9.62 -28.52
N GLU B 66 -5.14 -10.87 -28.91
CA GLU B 66 -6.24 -11.78 -29.25
C GLU B 66 -7.17 -12.00 -28.05
N ALA B 67 -6.59 -12.18 -26.86
CA ALA B 67 -7.37 -12.37 -25.63
C ALA B 67 -8.27 -11.18 -25.30
N ILE B 68 -7.74 -9.97 -25.44
CA ILE B 68 -8.55 -8.75 -25.25
C ILE B 68 -9.70 -8.69 -26.26
N GLN B 69 -9.40 -8.94 -27.52
CA GLN B 69 -10.42 -8.95 -28.58
C GLN B 69 -11.52 -9.99 -28.33
N LYS B 70 -11.14 -11.12 -27.73
CA LYS B 70 -12.11 -12.18 -27.41
C LYS B 70 -12.76 -11.99 -26.03
N LYS B 71 -12.49 -10.84 -25.42
CA LYS B 71 -13.13 -10.39 -24.17
C LYS B 71 -12.72 -11.19 -22.93
N ALA B 72 -11.51 -11.75 -22.95
CA ALA B 72 -10.95 -12.40 -21.77
C ALA B 72 -10.57 -11.34 -20.75
N ASP B 73 -10.78 -11.65 -19.48
CA ASP B 73 -10.47 -10.71 -18.40
C ASP B 73 -9.08 -10.92 -17.81
N VAL B 74 -8.61 -12.16 -17.89
CA VAL B 74 -7.23 -12.52 -17.58
C VAL B 74 -6.77 -13.54 -18.60
N VAL B 75 -5.52 -13.43 -19.02
CA VAL B 75 -4.92 -14.43 -19.90
C VAL B 75 -3.72 -15.07 -19.20
N PHE B 76 -3.64 -16.40 -19.30
CA PHE B 76 -2.59 -17.17 -18.65
C PHE B 76 -1.67 -17.80 -19.71
N LEU B 77 -0.38 -17.49 -19.62
CA LEU B 77 0.61 -18.03 -20.57
C LEU B 77 1.56 -19.03 -19.89
N PRO B 78 2.22 -19.90 -20.67
CA PRO B 78 2.99 -21.00 -20.06
C PRO B 78 4.27 -20.61 -19.31
N GLU B 79 4.84 -21.59 -18.61
CA GLU B 79 6.16 -21.47 -18.02
C GLU B 79 7.14 -21.14 -19.14
N ALA B 80 8.17 -20.35 -18.83
CA ALA B 80 9.26 -20.06 -19.78
C ALA B 80 8.75 -19.44 -21.09
N SER B 81 7.83 -18.49 -20.97
CA SER B 81 7.28 -17.78 -22.12
C SER B 81 8.26 -16.74 -22.65
N ASP B 82 9.27 -16.39 -21.86
CA ASP B 82 10.33 -15.48 -22.33
C ASP B 82 11.38 -16.20 -23.17
N TYR B 83 11.84 -17.36 -22.69
CA TYR B 83 12.79 -18.21 -23.42
C TYR B 83 12.85 -19.65 -22.88
N LEU B 84 13.28 -20.57 -23.74
CA LEU B 84 13.86 -21.83 -23.30
C LEU B 84 15.30 -21.87 -23.79
N SER B 85 16.15 -22.62 -23.08
CA SER B 85 17.59 -22.58 -23.34
C SER B 85 18.19 -23.94 -23.63
N GLN B 86 19.38 -23.93 -24.23
CA GLN B 86 20.08 -25.14 -24.64
C GLN B 86 20.71 -25.89 -23.46
N ASN B 87 21.16 -25.14 -22.48
CA ASN B 87 21.85 -25.70 -21.31
C ASN B 87 21.89 -24.69 -20.16
N PRO B 88 22.43 -25.10 -18.98
CA PRO B 88 22.46 -24.19 -17.84
C PRO B 88 23.21 -22.87 -18.06
N LEU B 89 24.28 -22.90 -18.85
CA LEU B 89 25.02 -21.66 -19.13
C LEU B 89 24.21 -20.74 -20.04
N HIS B 90 23.55 -21.34 -21.02
CA HIS B 90 22.66 -20.60 -21.92
C HIS B 90 21.54 -19.92 -21.15
N SER B 91 20.96 -20.65 -20.19
CA SER B 91 19.89 -20.09 -19.38
C SER B 91 20.31 -18.80 -18.67
N ARG B 92 21.50 -18.83 -18.05
CA ARG B 92 22.00 -17.68 -17.29
C ARG B 92 22.21 -16.47 -18.23
N TYR B 93 22.72 -16.78 -19.41
CA TYR B 93 22.94 -15.78 -20.46
C TYR B 93 21.62 -15.12 -20.87
N LEU B 94 20.59 -15.94 -21.10
CA LEU B 94 19.30 -15.43 -21.54
C LEU B 94 18.53 -14.69 -20.45
N ALA B 95 18.67 -15.14 -19.20
CA ALA B 95 18.03 -14.50 -18.05
C ALA B 95 18.45 -13.04 -17.90
N GLN B 96 19.65 -12.71 -18.39
CA GLN B 96 20.11 -11.32 -18.41
C GLN B 96 19.28 -10.42 -19.33
N LYS B 97 18.58 -11.03 -20.29
CA LYS B 97 17.74 -10.30 -21.25
C LYS B 97 16.29 -10.21 -20.80
N SER B 98 15.93 -11.01 -19.80
CA SER B 98 14.55 -11.08 -19.31
C SER B 98 13.99 -9.79 -18.69
N PRO B 99 14.80 -9.04 -17.89
CA PRO B 99 14.21 -7.82 -17.35
C PRO B 99 13.72 -6.82 -18.41
N LYS B 100 14.45 -6.70 -19.52
CA LYS B 100 14.03 -5.87 -20.65
C LYS B 100 12.74 -6.41 -21.30
N PHE B 101 12.69 -7.73 -21.50
CA PHE B 101 11.49 -8.42 -21.98
C PHE B 101 10.27 -8.04 -21.13
N ILE B 102 10.44 -8.06 -19.82
CA ILE B 102 9.33 -7.79 -18.91
C ILE B 102 8.89 -6.32 -18.97
N ARG B 103 9.85 -5.40 -18.98
CA ARG B 103 9.55 -3.98 -19.12
C ARG B 103 8.79 -3.70 -20.42
N GLN B 104 9.25 -4.30 -21.51
CA GLN B 104 8.56 -4.15 -22.80
C GLN B 104 7.16 -4.76 -22.77
N LEU B 105 7.02 -5.88 -22.07
CA LEU B 105 5.73 -6.53 -21.90
C LEU B 105 4.76 -5.64 -21.11
N GLN B 106 5.23 -5.07 -20.00
CA GLN B 106 4.42 -4.14 -19.19
C GLN B 106 3.88 -3.00 -20.03
N SER B 107 4.73 -2.39 -20.85
CA SER B 107 4.34 -1.31 -21.75
C SER B 107 3.36 -1.75 -22.82
N SER B 108 3.57 -2.96 -23.35
CA SER B 108 2.68 -3.53 -24.36
C SER B 108 1.27 -3.79 -23.81
N ILE B 109 1.20 -4.22 -22.54
CA ILE B 109 -0.08 -4.44 -21.87
C ILE B 109 -0.89 -3.14 -21.77
N THR B 110 -0.26 -2.07 -21.29
CA THR B 110 -0.93 -0.78 -21.15
C THR B 110 -1.31 -0.19 -22.52
N ASP B 111 -0.44 -0.36 -23.51
CA ASP B 111 -0.73 0.04 -24.90
C ASP B 111 -1.96 -0.67 -25.45
N LEU B 112 -2.01 -1.99 -25.25
CA LEU B 112 -3.12 -2.80 -25.75
C LEU B 112 -4.44 -2.53 -25.03
N VAL B 113 -4.36 -2.31 -23.71
CA VAL B 113 -5.52 -1.94 -22.91
C VAL B 113 -6.10 -0.58 -23.35
N ARG B 114 -5.21 0.37 -23.62
CA ARG B 114 -5.60 1.70 -24.10
C ARG B 114 -6.27 1.62 -25.47
N ASP B 115 -5.63 0.93 -26.40
CA ASP B 115 -6.08 0.89 -27.80
C ASP B 115 -7.37 0.11 -28.00
N ASN B 116 -7.63 -0.85 -27.11
CA ASN B 116 -8.87 -1.64 -27.13
C ASN B 116 -9.93 -1.10 -26.17
N SER B 117 -9.56 -0.10 -25.38
CA SER B 117 -10.40 0.45 -24.30
C SER B 117 -11.02 -0.67 -23.45
N ARG B 118 -10.18 -1.64 -23.07
CA ARG B 118 -10.62 -2.78 -22.26
C ARG B 118 -9.48 -3.34 -21.41
N ASN B 119 -9.77 -3.54 -20.13
CA ASN B 119 -8.77 -4.08 -19.19
C ASN B 119 -8.54 -5.58 -19.39
N ILE B 120 -7.29 -5.99 -19.21
CA ILE B 120 -6.93 -7.40 -19.07
C ILE B 120 -5.73 -7.53 -18.13
N ASP B 121 -5.69 -8.62 -17.37
CA ASP B 121 -4.53 -8.94 -16.55
C ASP B 121 -3.78 -10.11 -17.19
N VAL B 122 -2.50 -10.27 -16.87
CA VAL B 122 -1.64 -11.26 -17.53
C VAL B 122 -0.83 -12.05 -16.51
N SER B 123 -0.96 -13.38 -16.59
CA SER B 123 -0.11 -14.31 -15.83
C SER B 123 0.82 -15.00 -16.82
N ILE B 124 2.13 -14.95 -16.56
CA ILE B 124 3.12 -15.39 -17.53
C ILE B 124 4.41 -15.89 -16.86
N GLY B 125 4.88 -17.07 -17.30
CA GLY B 125 6.15 -17.59 -16.81
C GLY B 125 7.34 -16.95 -17.49
N VAL B 126 8.28 -16.49 -16.68
CA VAL B 126 9.55 -15.92 -17.16
C VAL B 126 10.71 -16.45 -16.33
N HIS B 127 11.92 -15.99 -16.65
CA HIS B 127 13.10 -16.22 -15.82
C HIS B 127 13.64 -14.88 -15.34
N LEU B 128 14.31 -14.87 -14.19
CA LEU B 128 15.03 -13.67 -13.75
C LEU B 128 16.44 -14.04 -13.28
N PRO B 129 17.40 -13.12 -13.48
CA PRO B 129 18.76 -13.41 -13.04
C PRO B 129 18.86 -13.43 -11.51
N PRO B 130 19.95 -14.02 -10.97
CA PRO B 130 20.14 -13.97 -9.51
C PRO B 130 20.34 -12.54 -9.02
N SER B 131 19.93 -12.27 -7.79
CA SER B 131 20.17 -10.98 -7.14
C SER B 131 21.61 -10.92 -6.63
N GLU B 132 22.03 -9.73 -6.21
CA GLU B 132 23.35 -9.55 -5.59
C GLU B 132 23.52 -10.45 -4.37
N GLN B 133 22.48 -10.52 -3.53
CA GLN B 133 22.53 -11.38 -2.34
C GLN B 133 22.70 -12.86 -2.69
N ASP B 134 22.00 -13.30 -3.74
CA ASP B 134 22.20 -14.65 -4.27
C ASP B 134 23.67 -14.87 -4.62
N LEU B 135 24.24 -13.91 -5.37
CA LEU B 135 25.63 -14.02 -5.81
C LEU B 135 26.59 -14.05 -4.62
N LEU B 136 26.31 -13.22 -3.62
CA LEU B 136 27.08 -13.19 -2.36
C LEU B 136 27.16 -14.56 -1.69
N GLU B 137 26.05 -15.30 -1.75
CA GLU B 137 25.93 -16.62 -1.13
C GLU B 137 26.40 -17.75 -2.06
N GLY B 138 27.04 -17.36 -3.17
CA GLY B 138 27.53 -18.32 -4.17
C GLY B 138 26.43 -18.99 -4.98
N ASN B 139 25.33 -18.28 -5.19
CA ASN B 139 24.19 -18.80 -5.95
C ASN B 139 23.97 -17.96 -7.21
N ASP B 140 24.50 -18.42 -8.34
CA ASP B 140 24.34 -17.69 -9.61
C ASP B 140 23.23 -18.27 -10.50
N ARG B 141 22.38 -19.10 -9.90
CA ARG B 141 21.29 -19.74 -10.63
C ARG B 141 20.16 -18.76 -10.91
N VAL B 142 19.44 -18.99 -12.01
CA VAL B 142 18.33 -18.12 -12.40
C VAL B 142 17.06 -18.50 -11.64
N ARG B 143 16.13 -17.56 -11.58
CA ARG B 143 14.84 -17.77 -10.90
C ARG B 143 13.79 -18.09 -11.95
N ASN B 144 13.01 -19.15 -11.70
CA ASN B 144 11.89 -19.52 -12.58
C ASN B 144 10.65 -18.90 -11.96
N VAL B 145 10.14 -17.86 -12.61
CA VAL B 145 9.18 -16.96 -11.98
C VAL B 145 7.87 -16.82 -12.75
N LEU B 146 6.77 -16.98 -12.03
CA LEU B 146 5.44 -16.69 -12.58
C LEU B 146 5.05 -15.27 -12.19
N LEU B 147 4.93 -14.42 -13.21
CA LEU B 147 4.52 -13.04 -13.03
C LEU B 147 3.02 -12.88 -13.18
N TYR B 148 2.44 -12.04 -12.33
CA TYR B 148 1.09 -11.55 -12.53
C TYR B 148 1.18 -10.04 -12.74
N ILE B 149 0.71 -9.59 -13.90
CA ILE B 149 0.78 -8.20 -14.28
C ILE B 149 -0.63 -7.70 -14.52
N ASP B 150 -1.02 -6.60 -13.87
CA ASP B 150 -2.38 -6.10 -14.02
C ASP B 150 -2.53 -5.19 -15.24
N HIS B 151 -3.76 -4.74 -15.48
CA HIS B 151 -4.11 -3.90 -16.63
C HIS B 151 -3.40 -2.55 -16.68
N GLU B 152 -2.78 -2.15 -15.57
CA GLU B 152 -2.00 -0.93 -15.52
C GLU B 152 -0.49 -1.21 -15.67
N GLY B 153 -0.16 -2.44 -16.02
CA GLY B 153 1.24 -2.84 -16.20
C GLY B 153 2.00 -3.04 -14.90
N LYS B 154 1.29 -3.05 -13.79
CA LYS B 154 1.90 -3.23 -12.47
C LYS B 154 2.09 -4.71 -12.17
N ILE B 155 3.32 -5.08 -11.79
CA ILE B 155 3.60 -6.45 -11.35
C ILE B 155 3.07 -6.63 -9.93
N LEU B 156 2.12 -7.56 -9.77
CA LEU B 156 1.49 -7.79 -8.47
C LEU B 156 2.13 -8.96 -7.75
N GLN B 157 2.70 -9.89 -8.50
CA GLN B 157 3.34 -11.06 -7.91
C GLN B 157 4.47 -11.59 -8.77
N GLU B 158 5.52 -12.05 -8.11
CA GLU B 158 6.60 -12.81 -8.74
C GLU B 158 6.76 -14.08 -7.95
N TYR B 159 6.07 -15.14 -8.36
CA TYR B 159 6.17 -16.42 -7.67
C TYR B 159 7.36 -17.21 -8.19
N GLN B 160 8.31 -17.51 -7.30
CA GLN B 160 9.50 -18.28 -7.65
C GLN B 160 9.27 -19.78 -7.43
N LYS B 161 9.37 -20.55 -8.50
CA LYS B 161 9.07 -21.99 -8.51
C LYS B 161 9.70 -22.75 -7.34
N LEU B 162 8.86 -23.50 -6.62
CA LEU B 162 9.27 -24.20 -5.40
C LEU B 162 9.84 -25.62 -5.62
N HIS B 163 9.25 -26.37 -6.53
CA HIS B 163 9.64 -27.76 -6.78
C HIS B 163 10.27 -27.85 -8.16
N LEU B 164 11.58 -28.06 -8.20
CA LEU B 164 12.31 -28.04 -9.47
C LEU B 164 12.32 -29.40 -10.16
N PHE B 165 12.34 -29.37 -11.48
CA PHE B 165 12.20 -30.57 -12.29
C PHE B 165 13.52 -31.34 -12.39
N ASP B 166 13.77 -32.21 -11.42
CA ASP B 166 14.94 -33.10 -11.43
C ASP B 166 14.48 -34.54 -11.57
N VAL B 167 14.43 -35.04 -12.81
CA VAL B 167 13.80 -36.32 -13.14
C VAL B 167 14.58 -37.09 -14.20
N ASP B 168 14.70 -38.40 -14.01
CA ASP B 168 15.14 -39.30 -15.07
C ASP B 168 13.88 -39.74 -15.84
N VAL B 169 13.63 -39.08 -16.98
CA VAL B 169 12.42 -39.31 -17.77
C VAL B 169 12.42 -40.73 -18.37
N PRO B 170 11.31 -41.49 -18.15
CA PRO B 170 11.19 -42.86 -18.70
C PRO B 170 11.26 -42.85 -20.22
N ASN B 171 12.18 -43.64 -20.77
CA ASN B 171 12.46 -43.67 -22.21
C ASN B 171 12.74 -42.27 -22.77
N GLY B 172 13.53 -41.50 -22.02
CA GLY B 172 13.89 -40.12 -22.37
C GLY B 172 15.17 -39.70 -21.66
N PRO B 173 15.49 -38.39 -21.71
CA PRO B 173 16.76 -37.91 -21.15
C PRO B 173 16.72 -37.67 -19.64
N ILE B 174 17.90 -37.54 -19.03
CA ILE B 174 18.03 -37.08 -17.65
C ILE B 174 17.87 -35.56 -17.64
N LEU B 175 16.94 -35.05 -16.84
CA LEU B 175 16.76 -33.61 -16.74
C LEU B 175 16.94 -33.14 -15.30
N LYS B 176 17.68 -32.05 -15.13
CA LYS B 176 18.00 -31.52 -13.81
C LYS B 176 17.90 -30.00 -13.81
N GLU B 177 16.69 -29.51 -13.53
CA GLU B 177 16.42 -28.07 -13.50
C GLU B 177 17.28 -27.33 -12.46
N SER B 178 17.56 -27.99 -11.34
CA SER B 178 18.29 -27.37 -10.24
C SER B 178 19.75 -27.06 -10.56
N LYS B 179 20.23 -27.52 -11.71
CA LYS B 179 21.55 -27.14 -12.21
C LYS B 179 21.59 -25.66 -12.58
N SER B 180 20.50 -25.17 -13.15
CA SER B 180 20.44 -23.81 -13.68
C SER B 180 19.53 -22.90 -12.86
N VAL B 181 18.60 -23.51 -12.12
CA VAL B 181 17.55 -22.76 -11.44
C VAL B 181 17.61 -22.92 -9.93
N GLN B 182 17.40 -21.83 -9.21
CA GLN B 182 17.33 -21.83 -7.75
C GLN B 182 15.88 -21.93 -7.26
N PRO B 183 15.62 -22.86 -6.32
CA PRO B 183 14.25 -23.02 -5.82
C PRO B 183 13.78 -21.82 -4.99
N GLY B 184 12.49 -21.54 -5.07
CA GLY B 184 11.89 -20.45 -4.29
C GLY B 184 11.84 -20.76 -2.81
N LYS B 185 11.55 -19.76 -2.01
CA LYS B 185 11.51 -19.92 -0.55
C LYS B 185 10.22 -19.39 0.05
N ALA B 186 9.23 -19.11 -0.80
CA ALA B 186 7.97 -18.52 -0.36
C ALA B 186 6.76 -19.20 -0.98
N ILE B 187 5.69 -19.33 -0.18
CA ILE B 187 4.39 -19.75 -0.71
C ILE B 187 3.71 -18.53 -1.33
N PRO B 188 3.21 -18.66 -2.58
CA PRO B 188 2.62 -17.50 -3.24
C PRO B 188 1.31 -17.08 -2.60
N ASP B 189 1.15 -15.76 -2.44
CA ASP B 189 -0.08 -15.17 -1.95
C ASP B 189 -1.21 -15.41 -2.94
N ILE B 190 -2.43 -15.49 -2.41
CA ILE B 190 -3.62 -15.55 -3.23
C ILE B 190 -3.85 -14.18 -3.90
N ILE B 191 -4.00 -14.19 -5.21
CA ILE B 191 -4.20 -12.97 -5.99
C ILE B 191 -5.70 -12.70 -6.17
N GLU B 192 -6.13 -11.48 -5.84
CA GLU B 192 -7.50 -11.04 -6.07
C GLU B 192 -7.70 -10.67 -7.52
N SER B 193 -7.88 -11.66 -8.39
CA SER B 193 -7.98 -11.44 -9.82
C SER B 193 -9.42 -11.06 -10.22
N PRO B 194 -9.60 -10.45 -11.40
CA PRO B 194 -10.94 -10.16 -11.93
C PRO B 194 -11.85 -11.40 -11.99
N LEU B 195 -11.24 -12.59 -12.06
CA LEU B 195 -11.98 -13.85 -12.12
C LEU B 195 -12.31 -14.43 -10.75
N GLY B 196 -11.61 -13.96 -9.73
CA GLY B 196 -11.74 -14.53 -8.39
C GLY B 196 -10.38 -14.80 -7.80
N LYS B 197 -10.36 -15.56 -6.70
CA LYS B 197 -9.13 -15.78 -5.94
C LYS B 197 -8.24 -16.80 -6.65
N LEU B 198 -7.04 -16.36 -6.99
CA LEU B 198 -6.12 -17.15 -7.80
C LEU B 198 -4.96 -17.69 -6.97
N GLY B 199 -4.74 -19.00 -7.09
CA GLY B 199 -3.57 -19.66 -6.53
C GLY B 199 -2.60 -19.99 -7.65
N SER B 200 -1.33 -19.63 -7.46
CA SER B 200 -0.32 -19.74 -8.50
C SER B 200 0.65 -20.88 -8.24
N ALA B 201 1.05 -21.54 -9.31
CA ALA B 201 2.02 -22.63 -9.24
C ALA B 201 2.66 -22.79 -10.61
N ILE B 202 3.76 -23.54 -10.66
CA ILE B 202 4.45 -23.78 -11.92
C ILE B 202 4.75 -25.26 -12.05
N TYR B 204 6.05 -28.64 -12.43
CA TYR B 204 6.18 -29.76 -11.48
C TYR B 204 5.63 -29.61 -10.08
N ASP B 205 5.41 -28.38 -9.72
CA ASP B 205 4.62 -28.05 -8.51
C ASP B 205 3.33 -28.85 -8.46
N ILE B 206 2.75 -29.15 -9.64
CA ILE B 206 1.47 -29.87 -9.74
C ILE B 206 1.51 -31.26 -9.09
N ARG B 207 2.71 -31.86 -8.98
CA ARG B 207 2.85 -33.22 -8.49
C ARG B 207 2.83 -33.33 -6.96
N PHE B 208 2.90 -32.19 -6.28
CA PHE B 208 2.95 -32.16 -4.82
C PHE B 208 1.61 -31.65 -4.30
N PRO B 209 0.69 -32.59 -3.98
CA PRO B 209 -0.71 -32.22 -3.72
C PRO B 209 -0.87 -31.26 -2.54
N GLU B 210 0.04 -31.34 -1.57
CA GLU B 210 -0.02 -30.50 -0.37
C GLU B 210 0.09 -29.00 -0.71
N PHE B 211 0.78 -28.68 -1.80
CA PHE B 211 0.88 -27.30 -2.27
C PHE B 211 -0.48 -26.80 -2.75
N SER B 212 -1.14 -27.55 -3.63
CA SER B 212 -2.49 -27.20 -4.09
C SER B 212 -3.50 -27.13 -2.95
N LEU B 213 -3.41 -28.07 -2.01
CA LEU B 213 -4.26 -28.06 -0.81
C LEU B 213 -4.07 -26.78 0.00
N LYS B 214 -2.81 -26.34 0.13
CA LYS B 214 -2.49 -25.11 0.86
C LYS B 214 -3.10 -23.90 0.16
N LEU B 215 -2.97 -23.85 -1.16
CA LEU B 215 -3.56 -22.75 -1.95
C LEU B 215 -5.06 -22.66 -1.71
N ARG B 216 -5.75 -23.80 -1.78
CA ARG B 216 -7.17 -23.83 -1.45
C ARG B 216 -7.46 -23.39 -0.01
N SER B 217 -6.69 -23.93 0.94
CA SER B 217 -6.84 -23.53 2.36
C SER B 217 -6.73 -22.03 2.56
N MET B 218 -5.90 -21.38 1.75
CA MET B 218 -5.68 -19.93 1.83
C MET B 218 -6.79 -19.12 1.16
N GLY B 219 -7.61 -19.78 0.36
CA GLY B 219 -8.80 -19.15 -0.23
C GLY B 219 -8.91 -19.22 -1.75
N ALA B 220 -8.05 -19.99 -2.40
CA ALA B 220 -8.08 -20.11 -3.86
C ALA B 220 -9.42 -20.64 -4.38
N GLU B 221 -9.84 -20.09 -5.51
CA GLU B 221 -11.00 -20.55 -6.27
C GLU B 221 -10.53 -21.06 -7.63
N ILE B 222 -9.35 -20.60 -8.04
CA ILE B 222 -8.75 -20.95 -9.32
C ILE B 222 -7.28 -21.25 -9.10
N LEU B 223 -6.79 -22.33 -9.70
CA LEU B 223 -5.38 -22.67 -9.68
C LEU B 223 -4.83 -22.63 -11.10
N CYS B 224 -3.59 -22.18 -11.24
CA CYS B 224 -2.93 -22.27 -12.56
C CYS B 224 -1.63 -23.05 -12.48
N PHE B 225 -1.36 -23.86 -13.50
CA PHE B 225 -0.10 -24.59 -13.58
C PHE B 225 0.57 -24.37 -14.93
N PRO B 226 1.05 -23.14 -15.21
CA PRO B 226 1.82 -22.93 -16.44
C PRO B 226 3.01 -23.88 -16.50
N SER B 227 3.25 -24.45 -17.67
CA SER B 227 4.13 -25.61 -17.80
C SER B 227 4.89 -25.71 -19.12
N ALA B 228 6.07 -26.32 -19.03
CA ALA B 228 6.77 -26.89 -20.18
C ALA B 228 6.88 -28.38 -19.88
N PHE B 229 5.85 -29.13 -20.25
CA PHE B 229 5.72 -30.53 -19.86
C PHE B 229 6.30 -31.47 -20.93
N THR B 230 7.00 -32.51 -20.49
CA THR B 230 7.59 -33.48 -21.42
C THR B 230 6.52 -34.29 -22.15
N ILE B 231 6.89 -34.83 -23.32
CA ILE B 231 6.01 -35.73 -24.08
C ILE B 231 5.70 -37.03 -23.31
N LYS B 232 6.74 -37.65 -22.76
CA LYS B 232 6.60 -38.95 -22.09
C LYS B 232 5.72 -38.91 -20.84
N THR B 233 5.94 -37.91 -19.99
CA THR B 233 5.11 -37.77 -18.79
C THR B 233 3.79 -37.04 -19.09
N GLY B 234 3.76 -36.25 -20.18
CA GLY B 234 2.55 -35.57 -20.62
C GLY B 234 1.45 -36.53 -21.01
N GLU B 235 1.77 -37.45 -21.92
CA GLU B 235 0.81 -38.48 -22.36
C GLU B 235 0.31 -39.32 -21.18
N ALA B 236 1.19 -39.60 -20.22
CA ALA B 236 0.83 -40.37 -19.04
C ALA B 236 -0.02 -39.59 -18.04
N HIS B 237 0.41 -38.38 -17.69
CA HIS B 237 -0.09 -37.73 -16.46
C HIS B 237 -0.70 -36.33 -16.55
N TRP B 238 -0.49 -35.64 -17.67
CA TRP B 238 -0.86 -34.20 -17.76
C TRP B 238 -2.33 -33.98 -17.45
N GLU B 239 -3.21 -34.67 -18.19
CA GLU B 239 -4.64 -34.57 -17.98
C GLU B 239 -5.05 -35.10 -16.61
N LEU B 240 -4.48 -36.24 -16.21
CA LEU B 240 -4.73 -36.83 -14.89
C LEU B 240 -4.44 -35.86 -13.73
N LEU B 241 -3.26 -35.24 -13.75
CA LEU B 241 -2.85 -34.34 -12.66
C LEU B 241 -3.73 -33.08 -12.59
N GLY B 242 -4.08 -32.53 -13.75
CA GLY B 242 -4.93 -31.35 -13.80
C GLY B 242 -6.30 -31.63 -13.21
N ARG B 243 -6.90 -32.74 -13.65
CA ARG B 243 -8.22 -33.15 -13.18
C ARG B 243 -8.18 -33.49 -11.69
N ALA B 244 -7.13 -34.19 -11.27
CA ALA B 244 -6.96 -34.54 -9.87
C ALA B 244 -6.89 -33.33 -8.95
N ARG B 245 -6.03 -32.36 -9.29
CA ARG B 245 -5.92 -31.12 -8.50
C ARG B 245 -7.25 -30.35 -8.48
N ALA B 246 -7.93 -30.29 -9.63
CA ALA B 246 -9.25 -29.67 -9.70
C ALA B 246 -10.22 -30.33 -8.73
N VAL B 247 -10.28 -31.66 -8.76
CA VAL B 247 -11.19 -32.42 -7.89
C VAL B 247 -10.78 -32.37 -6.42
N ASP B 248 -9.48 -32.48 -6.15
CA ASP B 248 -8.92 -32.41 -4.79
C ASP B 248 -9.31 -31.11 -4.07
N THR B 249 -9.26 -30.01 -4.82
CA THR B 249 -9.35 -28.67 -4.23
C THR B 249 -10.69 -27.99 -4.48
N GLN B 250 -11.52 -28.60 -5.33
CA GLN B 250 -12.77 -27.99 -5.78
C GLN B 250 -12.51 -26.59 -6.34
N CYS B 251 -11.52 -26.49 -7.21
CA CYS B 251 -11.16 -25.26 -7.88
C CYS B 251 -11.20 -25.45 -9.39
N TYR B 252 -11.43 -24.36 -10.12
CA TYR B 252 -11.11 -24.33 -11.55
C TYR B 252 -9.60 -24.47 -11.67
N VAL B 253 -9.16 -25.24 -12.68
CA VAL B 253 -7.74 -25.44 -12.91
C VAL B 253 -7.38 -25.02 -14.34
N LEU B 254 -6.38 -24.15 -14.45
CA LEU B 254 -5.92 -23.63 -15.73
C LEU B 254 -4.55 -24.19 -16.04
N MET B 255 -4.41 -24.73 -17.26
CA MET B 255 -3.19 -25.42 -17.65
CA MET B 255 -3.21 -25.44 -17.65
C MET B 255 -2.60 -24.88 -18.94
N PRO B 256 -1.86 -23.75 -18.85
CA PRO B 256 -1.19 -23.27 -20.07
C PRO B 256 0.10 -24.04 -20.29
N GLY B 257 0.27 -24.62 -21.47
CA GLY B 257 1.43 -25.46 -21.74
C GLY B 257 2.19 -25.06 -22.98
N GLN B 258 3.52 -25.22 -22.92
CA GLN B 258 4.38 -25.19 -24.10
C GLN B 258 3.98 -26.36 -24.99
N VAL B 259 4.13 -26.19 -26.30
CA VAL B 259 3.88 -27.27 -27.25
C VAL B 259 4.97 -27.30 -28.32
N GLY B 260 5.19 -28.48 -28.91
CA GLY B 260 6.00 -28.62 -30.11
C GLY B 260 7.48 -28.75 -29.89
N MET B 261 8.23 -28.89 -30.98
CA MET B 261 9.69 -28.97 -30.87
C MET B 261 10.28 -27.57 -30.89
N HIS B 262 11.01 -27.24 -29.84
CA HIS B 262 11.55 -25.91 -29.66
C HIS B 262 12.78 -25.67 -30.51
N ASP B 263 12.86 -24.49 -31.08
CA ASP B 263 14.04 -24.03 -31.81
C ASP B 263 14.86 -23.19 -30.83
N LEU B 264 15.91 -23.79 -30.29
CA LEU B 264 16.73 -23.15 -29.25
C LEU B 264 18.00 -22.50 -29.81
N SER B 265 18.06 -22.41 -31.13
CA SER B 265 19.20 -21.79 -31.82
C SER B 265 19.50 -20.38 -31.31
N ASP B 266 20.79 -20.07 -31.19
CA ASP B 266 21.27 -18.80 -30.69
C ASP B 266 22.69 -18.59 -31.23
N PRO B 267 22.77 -18.28 -32.54
CA PRO B 267 24.09 -18.20 -33.18
C PRO B 267 25.11 -17.29 -32.47
N GLU B 268 24.67 -16.13 -31.98
CA GLU B 268 25.61 -15.21 -31.32
C GLU B 268 26.14 -15.76 -29.99
N TRP B 269 25.28 -16.43 -29.23
CA TRP B 269 25.72 -17.11 -28.01
C TRP B 269 26.58 -18.34 -28.32
N GLU B 270 26.22 -19.09 -29.35
CA GLU B 270 27.01 -20.27 -29.77
C GLU B 270 28.44 -19.87 -30.17
N LYS B 271 28.57 -18.74 -30.89
CA LYS B 271 29.87 -18.15 -31.23
C LYS B 271 30.67 -17.81 -29.98
N GLN B 272 30.05 -17.10 -29.05
CA GLN B 272 30.71 -16.63 -27.84
C GLN B 272 31.19 -17.81 -26.99
N SER B 273 30.39 -18.87 -26.98
CA SER B 273 30.67 -20.09 -26.21
C SER B 273 31.58 -21.07 -26.93
N HIS B 274 31.98 -20.75 -28.17
CA HIS B 274 32.82 -21.63 -29.00
C HIS B 274 32.20 -23.04 -29.11
N MET B 275 30.93 -23.10 -29.46
CA MET B 275 30.22 -24.37 -29.58
C MET B 275 30.32 -24.97 -30.97
N SER B 276 30.61 -26.28 -31.02
CA SER B 276 30.65 -27.03 -32.27
C SER B 276 29.24 -27.35 -32.75
N ALA B 277 29.11 -27.68 -34.04
CA ALA B 277 27.81 -28.04 -34.62
C ALA B 277 27.18 -29.25 -33.91
N LEU B 278 28.02 -30.18 -33.45
CA LEU B 278 27.56 -31.37 -32.72
C LEU B 278 26.85 -31.04 -31.41
N GLU B 279 27.32 -29.99 -30.74
CA GLU B 279 26.73 -29.55 -29.47
C GLU B 279 25.45 -28.75 -29.70
N LYS B 280 25.40 -28.02 -30.82
CA LYS B 280 24.29 -27.10 -31.13
C LYS B 280 22.90 -27.76 -31.18
N SER B 281 22.87 -29.04 -31.50
CA SER B 281 21.62 -29.76 -31.78
C SER B 281 20.70 -29.90 -30.56
N SER B 282 19.39 -29.72 -30.79
CA SER B 282 18.39 -29.93 -29.75
C SER B 282 17.17 -30.66 -30.28
N ARG B 283 16.59 -31.54 -29.44
CA ARG B 283 15.37 -32.24 -29.79
C ARG B 283 14.32 -32.14 -28.68
N ARG B 284 14.30 -31.00 -27.96
CA ARG B 284 13.34 -30.80 -26.87
C ARG B 284 11.93 -30.55 -27.41
N GLU B 285 10.97 -31.32 -26.89
CA GLU B 285 9.59 -31.21 -27.32
C GLU B 285 8.66 -31.13 -26.12
N SER B 286 7.65 -30.26 -26.22
CA SER B 286 6.67 -30.10 -25.15
C SER B 286 5.28 -30.65 -25.52
N TRP B 287 4.53 -31.06 -24.50
CA TRP B 287 3.28 -31.81 -24.67
C TRP B 287 2.08 -31.04 -25.22
N GLY B 288 1.97 -29.76 -24.86
CA GLY B 288 0.80 -28.98 -25.22
C GLY B 288 -0.45 -29.41 -24.47
N HIS B 289 -1.54 -29.63 -25.21
CA HIS B 289 -2.82 -30.06 -24.63
C HIS B 289 -3.28 -29.11 -23.51
N SER B 290 -3.11 -27.81 -23.75
CA SER B 290 -3.53 -26.79 -22.79
C SER B 290 -5.02 -26.92 -22.55
N MET B 291 -5.44 -26.70 -21.31
CA MET B 291 -6.85 -26.92 -20.98
C MET B 291 -7.35 -26.09 -19.81
N VAL B 292 -8.67 -26.06 -19.68
CA VAL B 292 -9.37 -25.47 -18.55
C VAL B 292 -10.27 -26.56 -17.97
N ILE B 293 -10.17 -26.76 -16.66
CA ILE B 293 -10.89 -27.82 -15.97
C ILE B 293 -11.76 -27.21 -14.87
N ASP B 294 -13.00 -27.69 -14.74
CA ASP B 294 -13.92 -27.19 -13.72
C ASP B 294 -13.72 -27.90 -12.37
N PRO B 295 -14.31 -27.36 -11.28
CA PRO B 295 -14.09 -27.95 -9.94
C PRO B 295 -14.59 -29.38 -9.77
N TRP B 296 -15.32 -29.91 -10.75
CA TRP B 296 -15.81 -31.30 -10.76
C TRP B 296 -14.89 -32.23 -11.57
N GLY B 297 -13.87 -31.65 -12.20
CA GLY B 297 -12.91 -32.42 -12.98
C GLY B 297 -13.26 -32.56 -14.45
N LYS B 298 -14.27 -31.82 -14.89
CA LYS B 298 -14.66 -31.82 -16.30
C LYS B 298 -13.78 -30.86 -17.10
N ILE B 299 -13.25 -31.34 -18.22
CA ILE B 299 -12.48 -30.48 -19.13
C ILE B 299 -13.46 -29.62 -19.92
N ILE B 300 -13.41 -28.31 -19.73
CA ILE B 300 -14.39 -27.43 -20.39
C ILE B 300 -13.84 -26.71 -21.62
N ALA B 301 -12.53 -26.58 -21.72
CA ALA B 301 -11.87 -26.04 -22.91
C ALA B 301 -10.53 -26.76 -23.08
N HIS B 302 -10.13 -27.00 -24.33
CA HIS B 302 -8.93 -27.78 -24.63
C HIS B 302 -8.31 -27.30 -25.92
N ALA B 303 -6.99 -27.20 -25.96
CA ALA B 303 -6.26 -26.79 -27.18
C ALA B 303 -6.62 -27.70 -28.35
N ASP B 304 -6.70 -27.09 -29.53
CA ASP B 304 -6.98 -27.81 -30.78
C ASP B 304 -5.71 -28.49 -31.27
N PRO B 305 -5.73 -29.84 -31.37
CA PRO B 305 -4.54 -30.57 -31.83
C PRO B 305 -4.14 -30.27 -33.28
N SER B 306 -5.07 -29.74 -34.08
CA SER B 306 -4.81 -29.41 -35.49
C SER B 306 -3.91 -28.19 -35.67
N THR B 307 -3.89 -27.31 -34.67
CA THR B 307 -3.15 -26.06 -34.74
C THR B 307 -1.67 -26.26 -34.39
N VAL B 308 -0.81 -25.77 -35.28
CA VAL B 308 0.62 -25.75 -35.05
C VAL B 308 1.00 -24.38 -34.50
N GLY B 309 1.81 -24.36 -33.45
CA GLY B 309 2.25 -23.10 -32.86
C GLY B 309 1.22 -22.49 -31.94
N PRO B 310 1.29 -21.16 -31.73
CA PRO B 310 0.47 -20.49 -30.71
C PRO B 310 -1.03 -20.56 -30.94
N GLN B 311 -1.77 -20.75 -29.85
CA GLN B 311 -3.22 -20.69 -29.88
C GLN B 311 -3.77 -20.28 -28.52
N LEU B 312 -5.04 -19.88 -28.52
CA LEU B 312 -5.69 -19.43 -27.32
C LEU B 312 -6.94 -20.27 -27.11
N ILE B 313 -7.16 -20.72 -25.88
CA ILE B 313 -8.46 -21.30 -25.53
C ILE B 313 -9.15 -20.39 -24.53
N LEU B 314 -10.48 -20.42 -24.56
CA LEU B 314 -11.29 -19.54 -23.73
C LEU B 314 -12.28 -20.38 -22.95
N ALA B 315 -12.68 -19.85 -21.80
CA ALA B 315 -13.74 -20.45 -21.01
C ALA B 315 -14.40 -19.37 -20.15
N ASP B 316 -15.71 -19.48 -19.99
CA ASP B 316 -16.43 -18.64 -19.04
C ASP B 316 -16.58 -19.43 -17.75
N LEU B 317 -16.08 -18.86 -16.66
CA LEU B 317 -16.06 -19.53 -15.36
C LEU B 317 -17.31 -19.16 -14.57
N ASP B 318 -17.84 -20.13 -13.83
CA ASP B 318 -19.07 -19.94 -13.08
C ASP B 318 -18.83 -20.07 -11.58
N ARG B 319 -18.85 -18.92 -10.89
CA ARG B 319 -18.67 -18.86 -9.44
C ARG B 319 -19.73 -19.67 -8.67
N GLU B 320 -20.94 -19.69 -9.20
CA GLU B 320 -22.05 -20.47 -8.61
C GLU B 320 -21.78 -21.96 -8.62
N LEU B 321 -21.21 -22.46 -9.71
CA LEU B 321 -20.83 -23.88 -9.83
C LEU B 321 -19.87 -24.27 -8.72
N LEU B 322 -18.85 -23.45 -8.56
CA LEU B 322 -17.83 -23.66 -7.55
C LEU B 322 -18.43 -23.68 -6.14
N GLN B 323 -19.32 -22.74 -5.87
CA GLN B 323 -19.95 -22.63 -4.56
C GLN B 323 -20.91 -23.79 -4.29
N GLU B 324 -21.62 -24.22 -5.33
CA GLU B 324 -22.53 -25.38 -5.23
C GLU B 324 -21.77 -26.66 -4.90
N ILE B 325 -20.68 -26.92 -5.63
CA ILE B 325 -19.85 -28.09 -5.40
C ILE B 325 -19.30 -28.10 -3.98
N ARG B 326 -18.82 -26.94 -3.53
CA ARG B 326 -18.26 -26.80 -2.19
C ARG B 326 -19.32 -26.95 -1.10
N ASN B 327 -20.53 -26.47 -1.37
CA ASN B 327 -21.65 -26.63 -0.44
C ASN B 327 -22.09 -28.09 -0.29
N LYS B 328 -22.19 -28.79 -1.42
CA LYS B 328 -22.66 -30.17 -1.43
C LYS B 328 -21.67 -31.19 -0.87
N MET B 329 -20.38 -30.96 -1.10
CA MET B 329 -19.32 -31.83 -0.59
C MET B 329 -18.29 -30.97 0.16
N PRO B 330 -18.59 -30.62 1.44
CA PRO B 330 -17.79 -29.59 2.09
C PRO B 330 -16.48 -30.10 2.67
N LEU B 331 -15.57 -30.50 1.77
CA LEU B 331 -14.30 -31.13 2.15
C LEU B 331 -13.48 -30.31 3.13
N TRP B 332 -13.47 -29.00 2.96
CA TRP B 332 -12.68 -28.13 3.85
C TRP B 332 -13.31 -27.89 5.23
N ASN B 333 -14.51 -28.46 5.44
CA ASN B 333 -15.11 -28.54 6.78
C ASN B 333 -14.88 -29.90 7.43
N GLN B 334 -14.29 -30.82 6.69
CA GLN B 334 -14.17 -32.24 7.07
C GLN B 334 -12.73 -32.82 7.23
N ARG B 335 -11.73 -31.98 7.10
CA ARG B 335 -10.37 -32.42 7.24
C ARG B 335 -10.02 -32.79 8.68
N ARG B 336 -9.08 -33.69 8.86
CA ARG B 336 -8.68 -34.14 10.18
C ARG B 336 -7.37 -33.43 10.54
N ASP B 337 -7.45 -32.15 10.81
CA ASP B 337 -6.28 -31.34 11.11
C ASP B 337 -5.71 -31.74 12.49
N ASP B 338 -6.51 -32.42 13.26
CA ASP B 338 -6.07 -33.00 14.53
C ASP B 338 -5.05 -34.12 14.34
N LEU B 339 -4.91 -34.61 13.11
CA LEU B 339 -4.01 -35.71 12.80
C LEU B 339 -3.02 -35.39 11.68
N PHE B 340 -3.45 -34.57 10.72
CA PHE B 340 -2.60 -34.18 9.60
C PHE B 340 -2.31 -32.68 9.67
N HIS B 341 -1.03 -32.34 9.61
CA HIS B 341 -0.53 -30.95 9.78
C HIS B 341 0.95 -31.01 10.19
N LEU C 39 30.47 32.31 -23.91
CA LEU C 39 30.89 31.93 -22.54
C LEU C 39 29.89 32.39 -21.49
N LYS C 40 29.54 31.49 -20.57
CA LYS C 40 28.67 31.81 -19.45
C LYS C 40 29.43 31.52 -18.17
N ARG C 41 29.29 32.39 -17.17
CA ARG C 41 30.10 32.29 -15.96
C ARG C 41 29.39 31.58 -14.81
N VAL C 42 30.05 30.54 -14.29
CA VAL C 42 29.56 29.81 -13.13
C VAL C 42 30.41 30.12 -11.90
N ALA C 43 29.76 30.12 -10.74
CA ALA C 43 30.45 30.19 -9.46
C ALA C 43 30.16 28.93 -8.67
N VAL C 44 31.21 28.34 -8.10
CA VAL C 44 31.07 27.18 -7.22
C VAL C 44 31.58 27.57 -5.82
N ALA C 45 30.72 27.39 -4.83
CA ALA C 45 31.01 27.78 -3.46
C ALA C 45 31.52 26.61 -2.62
N GLN C 46 32.48 26.91 -1.78
CA GLN C 46 32.99 25.99 -0.77
C GLN C 46 32.73 26.64 0.57
N LEU C 47 32.21 25.87 1.53
CA LEU C 47 31.91 26.39 2.86
C LEU C 47 31.98 25.30 3.95
N CYS C 48 31.64 25.67 5.18
CA CYS C 48 31.78 24.76 6.31
C CYS C 48 30.61 24.97 7.26
N SER C 49 29.57 24.17 7.08
CA SER C 49 28.34 24.34 7.86
C SER C 49 28.54 23.99 9.33
N SER C 50 27.96 24.81 10.21
CA SER C 50 27.81 24.44 11.61
C SER C 50 26.39 23.91 11.83
N ALA C 51 25.96 23.76 13.08
CA ALA C 51 24.57 23.40 13.37
C ALA C 51 23.68 24.65 13.54
N ASP C 52 24.28 25.82 13.36
CA ASP C 52 23.59 27.10 13.52
C ASP C 52 23.10 27.63 12.17
N LEU C 53 21.80 27.49 11.91
CA LEU C 53 21.21 27.88 10.62
C LEU C 53 21.30 29.38 10.36
N THR C 54 21.19 30.19 11.41
CA THR C 54 21.34 31.64 11.30
C THR C 54 22.75 32.02 10.82
N LYS C 55 23.78 31.45 11.45
CA LYS C 55 25.17 31.69 11.07
C LYS C 55 25.49 31.13 9.68
N ASN C 56 24.95 29.96 9.37
CA ASN C 56 25.09 29.37 8.02
C ASN C 56 24.46 30.24 6.93
N LEU C 57 23.28 30.78 7.22
CA LEU C 57 22.59 31.67 6.28
C LEU C 57 23.43 32.90 5.93
N LYS C 58 24.05 33.48 6.96
CA LYS C 58 24.91 34.65 6.77
C LYS C 58 26.04 34.36 5.78
N VAL C 59 26.67 33.19 5.94
CA VAL C 59 27.76 32.76 5.05
C VAL C 59 27.27 32.56 3.62
N VAL C 60 26.15 31.83 3.48
CA VAL C 60 25.51 31.59 2.18
C VAL C 60 25.18 32.89 1.46
N LYS C 61 24.62 33.86 2.19
CA LYS C 61 24.26 35.15 1.61
C LYS C 61 25.50 35.92 1.12
N GLU C 62 26.57 35.88 1.91
CA GLU C 62 27.84 36.52 1.54
C GLU C 62 28.44 35.91 0.29
N LEU C 63 28.34 34.59 0.15
CA LEU C 63 28.85 33.90 -1.02
C LEU C 63 28.05 34.24 -2.28
N ILE C 64 26.73 34.30 -2.14
CA ILE C 64 25.86 34.69 -3.25
C ILE C 64 26.16 36.12 -3.67
N SER C 65 26.35 36.99 -2.67
CA SER C 65 26.73 38.38 -2.91
C SER C 65 28.03 38.47 -3.68
N GLU C 66 29.03 37.71 -3.24
CA GLU C 66 30.34 37.67 -3.90
C GLU C 66 30.22 37.17 -5.35
N ALA C 67 29.37 36.17 -5.57
CA ALA C 67 29.15 35.60 -6.90
C ALA C 67 28.56 36.62 -7.87
N ILE C 68 27.58 37.39 -7.39
CA ILE C 68 27.01 38.48 -8.19
C ILE C 68 28.08 39.53 -8.52
N GLN C 69 28.90 39.88 -7.53
CA GLN C 69 29.95 40.86 -7.75
CA GLN C 69 30.02 40.83 -7.70
C GLN C 69 30.94 40.40 -8.82
N LYS C 70 31.16 39.09 -8.89
CA LYS C 70 32.10 38.50 -9.85
C LYS C 70 31.44 38.10 -11.17
N LYS C 71 30.18 38.51 -11.36
CA LYS C 71 29.43 38.36 -12.61
C LYS C 71 29.08 36.90 -12.96
N ALA C 72 28.92 36.06 -11.94
CA ALA C 72 28.45 34.69 -12.13
C ALA C 72 26.96 34.69 -12.43
N ASP C 73 26.54 33.84 -13.35
CA ASP C 73 25.13 33.75 -13.74
C ASP C 73 24.34 32.76 -12.89
N VAL C 74 25.05 31.77 -12.34
CA VAL C 74 24.50 30.81 -11.39
C VAL C 74 25.60 30.50 -10.38
N VAL C 75 25.21 30.41 -9.10
CA VAL C 75 26.12 29.97 -8.05
C VAL C 75 25.65 28.63 -7.47
N PHE C 76 26.60 27.71 -7.32
CA PHE C 76 26.33 26.37 -6.80
C PHE C 76 26.95 26.19 -5.42
N LEU C 77 26.12 25.84 -4.45
CA LEU C 77 26.58 25.64 -3.06
C LEU C 77 26.44 24.17 -2.65
N PRO C 78 27.18 23.74 -1.61
CA PRO C 78 27.24 22.31 -1.26
C PRO C 78 25.96 21.70 -0.66
N GLU C 79 25.98 20.38 -0.54
CA GLU C 79 25.02 19.64 0.27
C GLU C 79 25.02 20.22 1.69
N ALA C 80 23.85 20.23 2.32
CA ALA C 80 23.72 20.62 3.73
C ALA C 80 24.28 22.02 4.04
N SER C 81 23.95 22.99 3.20
CA SER C 81 24.37 24.37 3.43
C SER C 81 23.53 25.05 4.51
N ASP C 82 22.38 24.46 4.85
CA ASP C 82 21.57 24.99 5.96
C ASP C 82 22.08 24.54 7.33
N TYR C 83 22.42 23.26 7.44
CA TYR C 83 23.02 22.72 8.67
C TYR C 83 23.67 21.36 8.45
N LEU C 84 24.58 20.99 9.35
CA LEU C 84 24.95 19.59 9.58
C LEU C 84 24.66 19.25 11.03
N SER C 85 24.29 17.99 11.29
CA SER C 85 23.80 17.59 12.62
C SER C 85 24.66 16.54 13.32
N GLN C 86 24.49 16.42 14.63
CA GLN C 86 25.26 15.45 15.43
C GLN C 86 24.75 14.03 15.26
N ASN C 87 23.45 13.88 15.09
CA ASN C 87 22.78 12.58 14.99
C ASN C 87 21.36 12.74 14.42
N PRO C 88 20.65 11.61 14.17
CA PRO C 88 19.29 11.66 13.61
C PRO C 88 18.30 12.51 14.41
N LEU C 89 18.40 12.48 15.74
CA LEU C 89 17.49 13.26 16.58
C LEU C 89 17.76 14.75 16.44
N HIS C 90 19.04 15.10 16.38
CA HIS C 90 19.48 16.48 16.11
C HIS C 90 18.96 16.93 14.74
N SER C 91 19.11 16.07 13.73
CA SER C 91 18.68 16.44 12.38
C SER C 91 17.18 16.74 12.30
N ARG C 92 16.37 15.89 12.93
CA ARG C 92 14.92 16.11 12.95
C ARG C 92 14.57 17.44 13.61
N TYR C 93 15.30 17.78 14.66
CA TYR C 93 15.16 19.07 15.35
C TYR C 93 15.54 20.25 14.45
N LEU C 94 16.67 20.15 13.76
CA LEU C 94 17.16 21.25 12.92
C LEU C 94 16.33 21.43 11.64
N ALA C 95 15.80 20.33 11.11
CA ALA C 95 14.99 20.37 9.90
C ALA C 95 13.69 21.19 10.07
N GLN C 96 13.15 21.22 11.29
CA GLN C 96 11.99 22.06 11.60
C GLN C 96 12.29 23.55 11.39
N LYS C 97 13.58 23.90 11.47
CA LYS C 97 14.04 25.27 11.28
C LYS C 97 14.36 25.59 9.83
N SER C 98 14.46 24.55 8.99
CA SER C 98 14.85 24.71 7.59
C SER C 98 13.87 25.50 6.69
N PRO C 99 12.54 25.32 6.87
CA PRO C 99 11.62 26.11 6.04
C PRO C 99 11.80 27.62 6.16
N LYS C 100 12.11 28.10 7.37
CA LYS C 100 12.35 29.53 7.60
C LYS C 100 13.64 29.96 6.92
N PHE C 101 14.70 29.17 7.08
CA PHE C 101 15.97 29.36 6.36
C PHE C 101 15.72 29.56 4.86
N ILE C 102 14.93 28.65 4.27
CA ILE C 102 14.65 28.69 2.83
C ILE C 102 13.89 29.96 2.42
N ARG C 103 12.83 30.28 3.17
CA ARG C 103 12.04 31.49 2.90
C ARG C 103 12.87 32.76 3.03
N GLN C 104 13.71 32.83 4.06
CA GLN C 104 14.63 33.95 4.26
C GLN C 104 15.67 34.03 3.14
N LEU C 105 16.12 32.87 2.67
CA LEU C 105 17.05 32.80 1.53
C LEU C 105 16.39 33.29 0.24
N GLN C 106 15.13 32.91 0.03
CA GLN C 106 14.37 33.38 -1.13
C GLN C 106 14.30 34.92 -1.16
N SER C 107 13.98 35.53 -0.02
CA SER C 107 13.95 36.99 0.10
C SER C 107 15.32 37.62 -0.11
N SER C 108 16.35 36.99 0.45
CA SER C 108 17.72 37.50 0.35
C SER C 108 18.24 37.49 -1.08
N ILE C 109 17.87 36.46 -1.85
CA ILE C 109 18.25 36.37 -3.26
C ILE C 109 17.64 37.52 -4.07
N THR C 110 16.34 37.76 -3.91
CA THR C 110 15.68 38.89 -4.60
C THR C 110 16.26 40.24 -4.13
N ASP C 111 16.58 40.35 -2.84
CA ASP C 111 17.25 41.53 -2.29
C ASP C 111 18.60 41.80 -2.95
N LEU C 112 19.40 40.74 -3.07
CA LEU C 112 20.75 40.85 -3.61
C LEU C 112 20.76 41.13 -5.11
N VAL C 113 19.85 40.49 -5.84
CA VAL C 113 19.67 40.72 -7.27
C VAL C 113 19.30 42.19 -7.51
N ARG C 114 18.35 42.67 -6.71
CA ARG C 114 17.85 44.03 -6.83
C ARG C 114 18.86 45.10 -6.40
N ASP C 115 19.56 44.86 -5.29
CA ASP C 115 20.60 45.79 -4.82
C ASP C 115 21.77 45.91 -5.81
N ASN C 116 22.22 44.77 -6.34
CA ASN C 116 23.34 44.75 -7.27
C ASN C 116 22.94 45.00 -8.72
N SER C 117 21.65 44.97 -8.99
CA SER C 117 21.08 45.19 -10.32
C SER C 117 21.59 44.15 -11.33
N ARG C 118 21.73 42.90 -10.87
CA ARG C 118 22.18 41.80 -11.72
C ARG C 118 21.55 40.48 -11.28
N ASN C 119 21.04 39.73 -12.25
CA ASN C 119 20.42 38.42 -11.99
C ASN C 119 21.44 37.34 -11.62
N ILE C 120 21.03 36.47 -10.69
CA ILE C 120 21.75 35.21 -10.42
C ILE C 120 20.75 34.15 -10.02
N ASP C 121 21.01 32.89 -10.42
CA ASP C 121 20.25 31.75 -9.94
C ASP C 121 21.10 31.01 -8.90
N VAL C 122 20.44 30.28 -8.01
CA VAL C 122 21.13 29.62 -6.91
C VAL C 122 20.76 28.13 -6.83
N SER C 123 21.77 27.28 -6.83
CA SER C 123 21.61 25.85 -6.54
C SER C 123 22.22 25.59 -5.16
N ILE C 124 21.42 25.02 -4.25
CA ILE C 124 21.84 24.89 -2.85
C ILE C 124 21.21 23.68 -2.17
N GLY C 125 22.06 22.92 -1.49
CA GLY C 125 21.61 21.76 -0.71
C GLY C 125 21.07 22.19 0.64
N VAL C 126 19.85 21.73 0.95
CA VAL C 126 19.25 22.00 2.26
C VAL C 126 18.59 20.73 2.78
N HIS C 127 17.93 20.84 3.93
CA HIS C 127 17.11 19.76 4.45
C HIS C 127 15.67 20.23 4.49
N LEU C 128 14.74 19.28 4.41
CA LEU C 128 13.34 19.58 4.68
C LEU C 128 12.79 18.59 5.69
N PRO C 129 11.92 19.07 6.61
CA PRO C 129 11.28 18.17 7.56
C PRO C 129 10.31 17.24 6.82
N PRO C 130 9.97 16.08 7.41
CA PRO C 130 8.93 15.28 6.79
C PRO C 130 7.63 16.08 6.69
N SER C 131 6.85 15.84 5.65
CA SER C 131 5.54 16.44 5.50
C SER C 131 4.57 15.84 6.51
N GLU C 132 3.42 16.49 6.70
CA GLU C 132 2.37 15.95 7.57
C GLU C 132 1.95 14.54 7.12
N GLN C 133 1.82 14.36 5.80
CA GLN C 133 1.47 13.07 5.23
C GLN C 133 2.55 12.00 5.48
N ASP C 134 3.82 12.39 5.37
CA ASP C 134 4.94 11.50 5.69
C ASP C 134 4.81 10.93 7.11
N LEU C 135 4.50 11.80 8.06
CA LEU C 135 4.36 11.41 9.46
C LEU C 135 3.24 10.39 9.64
N LEU C 136 2.09 10.67 9.03
CA LEU C 136 0.92 9.78 9.10
C LEU C 136 1.20 8.41 8.49
N GLU C 137 2.17 8.37 7.58
CA GLU C 137 2.59 7.16 6.93
C GLU C 137 3.72 6.45 7.58
N GLY C 138 4.21 6.95 8.69
CA GLY C 138 5.31 6.34 9.35
C GLY C 138 6.69 6.64 8.81
N ASN C 139 6.81 7.76 8.16
CA ASN C 139 8.08 8.12 7.58
C ASN C 139 8.51 9.42 8.13
N ASP C 140 8.95 9.31 9.36
CA ASP C 140 9.46 10.40 10.11
C ASP C 140 10.95 10.56 9.85
N ARG C 141 11.26 10.90 8.65
CA ARG C 141 12.64 11.12 8.26
C ARG C 141 12.75 12.44 7.49
N VAL C 142 13.89 13.10 7.63
CA VAL C 142 14.12 14.36 6.94
C VAL C 142 14.44 14.10 5.46
N ARG C 143 14.32 15.14 4.64
CA ARG C 143 14.60 15.04 3.21
C ARG C 143 15.88 15.82 2.92
N ASN C 144 16.83 15.17 2.26
CA ASN C 144 18.05 15.82 1.81
C ASN C 144 17.77 16.33 0.41
N VAL C 145 17.67 17.66 0.26
CA VAL C 145 17.14 18.25 -0.96
C VAL C 145 18.08 19.27 -1.61
N LEU C 146 18.16 19.22 -2.94
CA LEU C 146 18.88 20.24 -3.69
C LEU C 146 17.87 21.18 -4.32
N LEU C 147 17.88 22.44 -3.88
CA LEU C 147 16.99 23.47 -4.42
C LEU C 147 17.64 24.22 -5.57
N TYR C 148 16.85 24.48 -6.61
CA TYR C 148 17.23 25.44 -7.63
C TYR C 148 16.30 26.65 -7.50
N ILE C 149 16.88 27.79 -7.16
CA ILE C 149 16.13 29.01 -6.92
C ILE C 149 16.55 30.07 -7.93
N ASP C 150 15.59 30.58 -8.71
CA ASP C 150 15.94 31.55 -9.75
C ASP C 150 16.07 32.97 -9.21
N HIS C 151 16.38 33.92 -10.09
CA HIS C 151 16.61 35.31 -9.70
C HIS C 151 15.37 36.01 -9.12
N GLU C 152 14.20 35.43 -9.37
CA GLU C 152 12.93 35.93 -8.81
C GLU C 152 12.66 35.33 -7.43
N GLY C 153 13.59 34.51 -6.93
CA GLY C 153 13.45 33.85 -5.65
C GLY C 153 12.52 32.65 -5.68
N LYS C 154 12.17 32.20 -6.90
CA LYS C 154 11.24 31.09 -7.05
C LYS C 154 11.96 29.75 -7.14
N ILE C 155 11.44 28.78 -6.40
CA ILE C 155 12.01 27.43 -6.39
C ILE C 155 11.53 26.67 -7.62
N LEU C 156 12.47 26.44 -8.54
CA LEU C 156 12.20 25.76 -9.81
C LEU C 156 12.32 24.25 -9.69
N GLN C 157 13.10 23.79 -8.72
CA GLN C 157 13.28 22.35 -8.49
C GLN C 157 13.63 22.06 -7.06
N GLU C 158 13.06 20.96 -6.56
CA GLU C 158 13.38 20.42 -5.25
CA GLU C 158 13.39 20.42 -5.24
C GLU C 158 13.79 18.96 -5.45
N TYR C 159 15.09 18.72 -5.65
CA TYR C 159 15.57 17.36 -5.89
C TYR C 159 15.88 16.62 -4.58
N GLN C 160 15.16 15.55 -4.31
CA GLN C 160 15.37 14.75 -3.10
C GLN C 160 16.35 13.61 -3.36
N LYS C 161 17.43 13.61 -2.60
CA LYS C 161 18.55 12.68 -2.78
C LYS C 161 18.10 11.22 -2.94
N LEU C 162 18.58 10.58 -4.02
CA LEU C 162 18.16 9.23 -4.36
C LEU C 162 18.99 8.13 -3.70
N HIS C 163 20.30 8.34 -3.60
CA HIS C 163 21.20 7.33 -3.02
C HIS C 163 21.76 7.80 -1.69
N LEU C 164 21.38 7.13 -0.60
CA LEU C 164 21.74 7.60 0.74
C LEU C 164 23.06 7.04 1.26
N PHE C 165 23.81 7.90 1.95
CA PHE C 165 25.16 7.57 2.43
C PHE C 165 25.14 6.59 3.60
N ASP C 166 25.05 5.31 3.29
CA ASP C 166 25.09 4.28 4.28
C ASP C 166 26.38 3.48 4.10
N VAL C 167 27.40 3.86 4.82
CA VAL C 167 28.71 3.36 4.51
C VAL C 167 29.55 3.21 5.79
N ASP C 168 30.38 2.20 5.87
CA ASP C 168 31.40 2.14 6.90
C ASP C 168 32.75 2.75 6.44
N LYS C 176 25.11 6.23 8.98
CA LYS C 176 24.07 5.68 8.19
C LYS C 176 23.00 6.74 7.95
N GLU C 177 23.04 7.33 6.76
CA GLU C 177 22.16 8.43 6.46
C GLU C 177 20.66 8.03 6.50
N SER C 178 20.32 6.84 6.06
CA SER C 178 18.93 6.38 6.02
C SER C 178 18.29 6.25 7.41
N LYS C 179 19.08 6.43 8.46
CA LYS C 179 18.55 6.49 9.83
C LYS C 179 17.80 7.81 10.06
N SER C 180 18.26 8.88 9.42
CA SER C 180 17.59 10.18 9.56
C SER C 180 16.88 10.65 8.30
N VAL C 181 17.23 10.07 7.16
CA VAL C 181 16.88 10.63 5.85
C VAL C 181 16.06 9.65 5.00
N GLN C 182 15.03 10.17 4.33
CA GLN C 182 14.21 9.40 3.40
C GLN C 182 14.70 9.56 1.96
N PRO C 183 14.84 8.43 1.22
CA PRO C 183 15.29 8.55 -0.17
C PRO C 183 14.24 9.15 -1.10
N GLY C 184 14.71 9.84 -2.14
CA GLY C 184 13.83 10.45 -3.13
C GLY C 184 13.09 9.43 -3.99
N LYS C 185 12.05 9.91 -4.68
CA LYS C 185 11.16 9.04 -5.46
C LYS C 185 11.28 9.27 -6.97
N ALA C 186 12.07 10.27 -7.37
CA ALA C 186 12.07 10.71 -8.76
C ALA C 186 13.44 11.13 -9.28
N ILE C 187 13.67 10.87 -10.56
CA ILE C 187 14.79 11.47 -11.29
C ILE C 187 14.44 12.94 -11.51
N PRO C 188 15.37 13.87 -11.18
CA PRO C 188 15.10 15.29 -11.36
C PRO C 188 15.09 15.69 -12.84
N ASP C 189 14.15 16.57 -13.22
CA ASP C 189 14.12 17.11 -14.59
C ASP C 189 15.39 17.91 -14.88
N ILE C 190 15.76 17.96 -16.16
CA ILE C 190 16.81 18.85 -16.60
C ILE C 190 16.30 20.29 -16.43
N ILE C 191 17.16 21.16 -15.92
CA ILE C 191 16.82 22.57 -15.73
C ILE C 191 17.45 23.39 -16.84
N GLU C 192 16.63 24.20 -17.51
CA GLU C 192 17.12 25.15 -18.50
C GLU C 192 17.68 26.38 -17.79
N SER C 193 18.93 26.28 -17.38
CA SER C 193 19.60 27.31 -16.59
C SER C 193 20.22 28.36 -17.52
N PRO C 194 20.62 29.53 -16.97
CA PRO C 194 21.37 30.53 -17.75
C PRO C 194 22.66 30.00 -18.38
N LEU C 195 23.20 28.90 -17.84
CA LEU C 195 24.44 28.32 -18.35
C LEU C 195 24.21 27.26 -19.42
N GLY C 196 22.98 26.75 -19.48
CA GLY C 196 22.66 25.62 -20.35
C GLY C 196 21.87 24.56 -19.59
N LYS C 197 21.76 23.37 -20.17
CA LYS C 197 20.97 22.29 -19.61
C LYS C 197 21.68 21.64 -18.41
N LEU C 198 21.04 21.73 -17.25
CA LEU C 198 21.65 21.31 -15.99
C LEU C 198 20.98 20.04 -15.43
N GLY C 199 21.81 19.06 -15.10
CA GLY C 199 21.37 17.85 -14.40
C GLY C 199 21.90 17.92 -12.97
N SER C 200 21.04 17.61 -12.02
CA SER C 200 21.35 17.78 -10.61
C SER C 200 21.45 16.46 -9.86
N ALA C 201 22.39 16.39 -8.92
CA ALA C 201 22.57 15.23 -8.07
C ALA C 201 23.15 15.66 -6.73
N ILE C 202 23.24 14.76 -5.79
CA ILE C 202 23.82 14.97 -4.48
C ILE C 202 24.76 13.94 -4.01
N TYR C 204 26.72 11.26 -2.45
CA TYR C 204 26.77 9.86 -2.89
C TYR C 204 26.23 9.43 -4.28
N ASP C 205 25.23 10.17 -4.77
CA ASP C 205 24.69 9.98 -6.12
C ASP C 205 25.80 9.82 -7.17
N ILE C 206 26.91 10.52 -6.94
CA ILE C 206 28.03 10.53 -7.88
C ILE C 206 28.63 9.12 -8.12
N ARG C 207 28.40 8.21 -7.17
CA ARG C 207 28.99 6.87 -7.25
C ARG C 207 28.20 5.89 -8.13
N PHE C 208 27.04 6.32 -8.60
CA PHE C 208 26.18 5.47 -9.41
C PHE C 208 26.13 6.03 -10.83
N PRO C 209 27.02 5.54 -11.72
CA PRO C 209 27.19 6.13 -13.05
C PRO C 209 25.91 6.15 -13.88
N GLU C 210 25.04 5.16 -13.69
CA GLU C 210 23.78 5.11 -14.44
C GLU C 210 22.91 6.38 -14.27
N PHE C 211 23.02 7.01 -13.10
CA PHE C 211 22.29 8.24 -12.82
C PHE C 211 22.79 9.36 -13.74
N SER C 212 24.10 9.61 -13.74
CA SER C 212 24.70 10.63 -14.59
C SER C 212 24.46 10.37 -16.09
N LEU C 213 24.56 9.09 -16.47
CA LEU C 213 24.28 8.69 -17.85
C LEU C 213 22.85 9.01 -18.27
N LYS C 214 21.91 8.80 -17.36
CA LYS C 214 20.50 9.11 -17.62
C LYS C 214 20.29 10.62 -17.79
N LEU C 215 20.94 11.42 -16.95
CA LEU C 215 20.83 12.89 -17.06
C LEU C 215 21.38 13.40 -18.39
N ARG C 216 22.48 12.83 -18.86
CA ARG C 216 22.98 13.13 -20.21
C ARG C 216 22.00 12.71 -21.31
N SER C 217 21.46 11.50 -21.19
CA SER C 217 20.43 11.03 -22.12
C SER C 217 19.22 11.96 -22.17
N MET C 218 18.88 12.53 -21.02
CA MET C 218 17.80 13.50 -20.91
C MET C 218 18.16 14.89 -21.46
N GLY C 219 19.45 15.11 -21.71
CA GLY C 219 19.89 16.33 -22.37
C GLY C 219 20.84 17.21 -21.59
N ALA C 220 21.35 16.73 -20.45
CA ALA C 220 22.28 17.51 -19.64
C ALA C 220 23.53 17.94 -20.42
N GLU C 221 23.95 19.17 -20.17
CA GLU C 221 25.21 19.72 -20.64
C GLU C 221 26.13 19.97 -19.45
N ILE C 222 25.52 20.15 -18.28
CA ILE C 222 26.22 20.44 -17.03
C ILE C 222 25.63 19.55 -15.94
N LEU C 223 26.52 18.99 -15.12
CA LEU C 223 26.13 18.16 -13.98
C LEU C 223 26.69 18.79 -12.70
N CYS C 224 25.93 18.73 -11.62
CA CYS C 224 26.45 19.20 -10.33
C CYS C 224 26.35 18.12 -9.27
N PHE C 225 27.36 18.08 -8.40
CA PHE C 225 27.39 17.14 -7.28
C PHE C 225 27.71 17.84 -5.96
N PRO C 226 26.78 18.71 -5.48
CA PRO C 226 26.98 19.32 -4.17
C PRO C 226 27.16 18.25 -3.08
N SER C 227 28.17 18.42 -2.24
CA SER C 227 28.63 17.35 -1.37
C SER C 227 29.15 17.79 -0.01
N ALA C 228 29.06 16.87 0.94
CA ALA C 228 29.81 16.91 2.19
C ALA C 228 30.61 15.59 2.20
N PHE C 229 31.79 15.64 1.60
CA PHE C 229 32.57 14.43 1.34
C PHE C 229 33.55 14.17 2.50
N THR C 230 33.69 12.91 2.92
CA THR C 230 34.64 12.55 3.98
C THR C 230 36.09 12.72 3.53
N ILE C 231 37.01 12.81 4.49
CA ILE C 231 38.44 12.96 4.19
C ILE C 231 39.02 11.71 3.51
N LYS C 232 38.71 10.53 4.06
CA LYS C 232 39.29 9.27 3.57
C LYS C 232 38.87 8.97 2.13
N THR C 233 37.57 9.05 1.85
CA THR C 233 37.10 8.83 0.48
C THR C 233 37.36 10.05 -0.42
N GLY C 234 37.44 11.23 0.18
CA GLY C 234 37.80 12.44 -0.55
C GLY C 234 39.18 12.35 -1.17
N GLU C 235 40.17 12.03 -0.35
CA GLU C 235 41.55 11.86 -0.80
C GLU C 235 41.63 10.84 -1.93
N ALA C 236 40.92 9.72 -1.75
CA ALA C 236 40.94 8.62 -2.71
C ALA C 236 40.17 8.91 -3.99
N HIS C 237 38.96 9.43 -3.87
CA HIS C 237 37.98 9.36 -4.98
C HIS C 237 37.37 10.67 -5.48
N TRP C 238 37.45 11.74 -4.69
CA TRP C 238 36.74 12.98 -5.06
C TRP C 238 37.09 13.48 -6.47
N GLU C 239 38.37 13.72 -6.72
CA GLU C 239 38.80 14.21 -8.04
C GLU C 239 38.58 13.16 -9.14
N LEU C 240 38.87 11.91 -8.82
CA LEU C 240 38.66 10.80 -9.75
C LEU C 240 37.22 10.72 -10.23
N LEU C 241 36.27 10.74 -9.28
CA LEU C 241 34.85 10.58 -9.60
C LEU C 241 34.30 11.74 -10.42
N GLY C 242 34.70 12.97 -10.08
CA GLY C 242 34.25 14.16 -10.80
C GLY C 242 34.73 14.13 -12.25
N ARG C 243 36.02 13.83 -12.41
CA ARG C 243 36.63 13.76 -13.74
C ARG C 243 36.03 12.63 -14.57
N ALA C 244 35.82 11.47 -13.95
CA ALA C 244 35.18 10.33 -14.60
C ALA C 244 33.77 10.66 -15.08
N ARG C 245 32.96 11.27 -14.22
CA ARG C 245 31.59 11.63 -14.63
C ARG C 245 31.61 12.62 -15.79
N ALA C 246 32.57 13.55 -15.77
CA ALA C 246 32.70 14.53 -16.86
C ALA C 246 33.04 13.85 -18.17
N VAL C 247 34.01 12.95 -18.11
CA VAL C 247 34.48 12.23 -19.31
C VAL C 247 33.42 11.23 -19.80
N ASP C 248 32.78 10.50 -18.87
CA ASP C 248 31.68 9.56 -19.18
C ASP C 248 30.55 10.24 -19.97
N THR C 249 30.18 11.45 -19.55
CA THR C 249 28.95 12.09 -20.01
C THR C 249 29.18 13.24 -20.99
N GLN C 250 30.44 13.63 -21.15
CA GLN C 250 30.81 14.79 -21.97
C GLN C 250 30.04 16.03 -21.51
N CYS C 251 30.04 16.22 -20.19
CA CYS C 251 29.41 17.37 -19.56
C CYS C 251 30.43 18.12 -18.73
N TYR C 252 30.21 19.43 -18.59
CA TYR C 252 30.88 20.17 -17.54
C TYR C 252 30.41 19.59 -16.22
N VAL C 253 31.32 19.43 -15.27
CA VAL C 253 30.96 18.92 -13.94
C VAL C 253 31.34 19.92 -12.87
N LEU C 254 30.37 20.25 -12.02
CA LEU C 254 30.53 21.22 -10.95
C LEU C 254 30.53 20.50 -9.61
N MET C 255 31.53 20.78 -8.79
CA MET C 255 31.74 20.03 -7.55
CA MET C 255 31.72 20.04 -7.55
C MET C 255 31.85 20.96 -6.33
N PRO C 256 30.69 21.44 -5.81
CA PRO C 256 30.74 22.24 -4.58
C PRO C 256 30.83 21.35 -3.35
N GLY C 257 31.86 21.53 -2.55
CA GLY C 257 32.05 20.70 -1.36
C GLY C 257 32.15 21.49 -0.07
N GLN C 258 31.64 20.89 1.01
CA GLN C 258 31.96 21.33 2.37
C GLN C 258 33.46 21.13 2.58
N VAL C 259 34.05 21.93 3.46
CA VAL C 259 35.49 21.83 3.74
C VAL C 259 35.81 21.97 5.22
N GLY C 260 36.84 21.26 5.67
CA GLY C 260 37.46 21.51 6.98
C GLY C 260 36.77 20.87 8.15
N MET C 261 37.16 21.30 9.35
CA MET C 261 36.59 20.75 10.59
C MET C 261 35.36 21.52 11.00
N HIS C 262 34.25 20.79 11.14
CA HIS C 262 32.97 21.35 11.55
C HIS C 262 32.84 21.28 13.06
N ASP C 263 32.14 22.27 13.62
CA ASP C 263 31.75 22.22 15.02
C ASP C 263 30.23 22.23 15.04
N LEU C 264 29.63 21.10 15.35
CA LEU C 264 28.18 20.91 15.32
C LEU C 264 27.46 21.08 16.65
N SER C 265 28.19 21.72 17.58
CA SER C 265 27.67 22.00 18.91
C SER C 265 26.41 22.80 18.81
N ASP C 266 25.50 22.57 19.72
CA ASP C 266 24.19 23.18 19.75
C ASP C 266 23.72 23.09 21.22
N PRO C 267 24.14 24.04 22.04
CA PRO C 267 23.89 23.92 23.48
C PRO C 267 22.43 23.90 23.81
N GLU C 268 21.63 24.71 23.13
CA GLU C 268 20.21 24.69 23.35
C GLU C 268 19.54 23.34 23.08
N TRP C 269 19.87 22.70 21.98
CA TRP C 269 19.36 21.35 21.69
C TRP C 269 19.87 20.33 22.70
N GLU C 270 21.16 20.44 23.04
CA GLU C 270 21.80 19.53 23.99
C GLU C 270 21.13 19.59 25.38
N LYS C 271 20.76 20.80 25.80
CA LYS C 271 20.04 21.00 27.06
C LYS C 271 18.62 20.42 27.00
N GLN C 272 17.87 20.78 25.96
CA GLN C 272 16.53 20.23 25.72
C GLN C 272 16.49 18.70 25.65
N SER C 273 17.53 18.12 25.05
CA SER C 273 17.62 16.66 24.91
C SER C 273 18.12 15.98 26.19
N HIS C 274 18.46 16.78 27.20
CA HIS C 274 19.07 16.31 28.46
C HIS C 274 20.27 15.40 28.19
N MET C 275 21.11 15.83 27.27
CA MET C 275 22.22 15.04 26.73
C MET C 275 23.40 15.01 27.69
N SER C 276 24.04 13.85 27.81
CA SER C 276 25.30 13.76 28.56
C SER C 276 26.47 14.06 27.63
N ALA C 277 27.48 14.74 28.16
CA ALA C 277 28.66 15.15 27.40
C ALA C 277 29.37 13.98 26.73
N LEU C 278 29.28 12.80 27.34
CA LEU C 278 29.85 11.57 26.76
C LEU C 278 29.17 11.15 25.45
N GLU C 279 27.95 11.63 25.22
CA GLU C 279 27.17 11.26 24.04
C GLU C 279 27.22 12.29 22.90
N LYS C 280 27.83 13.45 23.17
CA LYS C 280 28.03 14.47 22.13
C LYS C 280 28.84 13.92 20.96
N SER C 281 28.43 14.28 19.75
CA SER C 281 29.12 13.88 18.52
C SER C 281 29.19 15.08 17.57
N SER C 282 29.98 16.07 17.96
CA SER C 282 29.93 17.38 17.31
C SER C 282 31.06 17.66 16.31
N ARG C 283 31.97 16.70 16.13
CA ARG C 283 33.06 16.85 15.16
C ARG C 283 32.75 16.13 13.85
N ARG C 284 32.94 16.83 12.76
CA ARG C 284 32.95 16.24 11.42
C ARG C 284 34.06 16.90 10.61
N GLU C 285 34.59 16.20 9.61
CA GLU C 285 35.61 16.75 8.73
C GLU C 285 35.23 16.51 7.27
N SER C 286 35.36 17.56 6.45
CA SER C 286 35.01 17.46 5.03
C SER C 286 36.21 17.78 4.14
N TRP C 287 36.22 17.20 2.93
CA TRP C 287 37.38 17.20 2.04
C TRP C 287 37.66 18.53 1.33
N GLY C 288 36.60 19.26 0.98
CA GLY C 288 36.77 20.48 0.20
C GLY C 288 37.20 20.18 -1.22
N HIS C 289 38.26 20.84 -1.69
CA HIS C 289 38.75 20.67 -3.06
C HIS C 289 37.65 20.86 -4.10
N SER C 290 36.79 21.86 -3.86
CA SER C 290 35.75 22.20 -4.81
C SER C 290 36.38 22.53 -6.15
N MET C 291 35.70 22.14 -7.23
CA MET C 291 36.28 22.31 -8.57
C MET C 291 35.24 22.40 -9.68
N VAL C 292 35.70 22.84 -10.85
CA VAL C 292 34.93 22.83 -12.07
C VAL C 292 35.74 22.03 -13.08
N ILE C 293 35.07 21.11 -13.77
CA ILE C 293 35.73 20.20 -14.72
C ILE C 293 35.08 20.33 -16.09
N ASP C 294 35.90 20.40 -17.14
CA ASP C 294 35.38 20.48 -18.51
C ASP C 294 34.99 19.08 -19.05
N PRO C 295 34.29 19.03 -20.20
CA PRO C 295 33.79 17.75 -20.74
C PRO C 295 34.87 16.77 -21.19
N TRP C 296 36.13 17.19 -21.14
CA TRP C 296 37.27 16.35 -21.50
C TRP C 296 38.01 15.87 -20.24
N GLY C 297 37.53 16.32 -19.08
CA GLY C 297 38.12 15.91 -17.81
C GLY C 297 39.19 16.85 -17.25
N LYS C 298 39.40 17.98 -17.93
CA LYS C 298 40.37 18.97 -17.46
C LYS C 298 39.75 19.80 -16.33
N ILE C 299 40.50 19.92 -15.23
CA ILE C 299 40.08 20.80 -14.12
C ILE C 299 40.39 22.24 -14.51
N ILE C 300 39.33 23.04 -14.64
CA ILE C 300 39.47 24.40 -15.12
C ILE C 300 39.34 25.45 -14.02
N ALA C 301 38.88 25.02 -12.84
CA ALA C 301 38.85 25.87 -11.64
C ALA C 301 38.89 24.95 -10.43
N HIS C 302 39.53 25.42 -9.37
CA HIS C 302 39.77 24.58 -8.18
C HIS C 302 39.96 25.46 -6.96
N ALA C 303 39.43 25.01 -5.82
CA ALA C 303 39.56 25.74 -4.57
C ALA C 303 41.03 25.91 -4.20
N ASP C 304 41.35 27.09 -3.67
CA ASP C 304 42.70 27.40 -3.20
C ASP C 304 42.91 26.73 -1.84
N PRO C 305 43.85 25.76 -1.77
CA PRO C 305 44.08 25.02 -0.52
C PRO C 305 44.53 25.89 0.65
N SER C 306 45.15 27.03 0.35
CA SER C 306 45.67 27.92 1.38
C SER C 306 44.61 28.84 2.00
N THR C 307 43.45 28.96 1.33
CA THR C 307 42.34 29.74 1.87
C THR C 307 41.53 28.89 2.84
N VAL C 308 41.42 29.36 4.08
CA VAL C 308 40.62 28.69 5.11
C VAL C 308 39.19 29.24 5.09
N GLY C 309 38.22 28.35 5.16
CA GLY C 309 36.81 28.77 5.26
C GLY C 309 36.18 29.05 3.92
N PRO C 310 35.06 29.80 3.92
CA PRO C 310 34.24 30.01 2.71
C PRO C 310 35.01 30.64 1.56
N GLN C 311 34.87 30.05 0.37
CA GLN C 311 35.48 30.62 -0.84
C GLN C 311 34.66 30.31 -2.09
N LEU C 312 34.84 31.15 -3.11
CA LEU C 312 34.22 30.97 -4.41
C LEU C 312 35.28 30.69 -5.45
N ILE C 313 34.95 29.77 -6.36
CA ILE C 313 35.74 29.60 -7.57
C ILE C 313 34.86 29.93 -8.78
N LEU C 314 35.48 30.45 -9.82
CA LEU C 314 34.76 30.87 -11.01
C LEU C 314 35.28 30.17 -12.25
N ALA C 315 34.38 29.90 -13.19
CA ALA C 315 34.77 29.37 -14.48
C ALA C 315 33.84 29.88 -15.56
N ASP C 316 34.39 30.11 -16.75
CA ASP C 316 33.58 30.45 -17.90
C ASP C 316 33.37 29.20 -18.75
N LEU C 317 32.11 28.82 -18.93
CA LEU C 317 31.77 27.60 -19.63
C LEU C 317 31.63 27.85 -21.13
N ASP C 318 32.10 26.91 -21.93
CA ASP C 318 32.17 27.06 -23.38
C ASP C 318 31.33 26.00 -24.08
N ARG C 319 30.14 26.40 -24.52
CA ARG C 319 29.21 25.49 -25.19
C ARG C 319 29.77 24.92 -26.50
N GLU C 320 30.57 25.73 -27.21
CA GLU C 320 31.18 25.29 -28.46
C GLU C 320 32.24 24.20 -28.25
N LEU C 321 32.99 24.30 -27.16
CA LEU C 321 33.93 23.26 -26.76
C LEU C 321 33.20 21.95 -26.46
N LEU C 322 32.11 22.06 -25.69
CA LEU C 322 31.26 20.91 -25.38
C LEU C 322 30.77 20.24 -26.67
N GLN C 323 30.26 21.05 -27.60
CA GLN C 323 29.73 20.55 -28.86
C GLN C 323 30.80 19.86 -29.73
N GLU C 324 31.99 20.45 -29.76
CA GLU C 324 33.13 19.87 -30.49
C GLU C 324 33.53 18.49 -29.95
N ILE C 325 33.61 18.38 -28.62
CA ILE C 325 33.94 17.11 -27.97
C ILE C 325 32.91 16.04 -28.33
N ARG C 326 31.64 16.40 -28.23
CA ARG C 326 30.55 15.47 -28.55
C ARG C 326 30.49 15.09 -30.03
N ASN C 327 30.86 16.02 -30.91
CA ASN C 327 30.90 15.73 -32.35
C ASN C 327 32.02 14.76 -32.70
N LYS C 328 33.20 14.97 -32.11
CA LYS C 328 34.38 14.17 -32.44
C LYS C 328 34.33 12.75 -31.88
N MET C 329 33.70 12.60 -30.71
CA MET C 329 33.54 11.28 -30.07
C MET C 329 32.06 11.10 -29.72
N PRO C 330 31.25 10.68 -30.72
CA PRO C 330 29.80 10.70 -30.55
C PRO C 330 29.26 9.53 -29.72
N LEU C 331 29.62 9.51 -28.44
CA LEU C 331 29.27 8.40 -27.53
C LEU C 331 27.77 8.10 -27.49
N TRP C 332 26.93 9.13 -27.52
CA TRP C 332 25.48 8.91 -27.47
C TRP C 332 24.84 8.40 -28.77
N ASN C 333 25.64 8.35 -29.85
CA ASN C 333 25.23 7.69 -31.08
C ASN C 333 25.78 6.27 -31.17
N GLN C 334 26.49 5.84 -30.12
CA GLN C 334 27.24 4.59 -30.18
C GLN C 334 26.90 3.63 -29.03
N ARG C 335 25.91 3.98 -28.23
CA ARG C 335 25.54 3.13 -27.10
C ARG C 335 24.83 1.89 -27.64
N ARG C 336 24.97 0.79 -26.94
CA ARG C 336 24.31 -0.43 -27.30
C ARG C 336 23.00 -0.61 -26.55
N ASP C 337 22.02 0.20 -26.85
CA ASP C 337 20.70 0.19 -26.22
C ASP C 337 19.98 -1.14 -26.42
N ASP C 338 20.29 -1.82 -27.52
CA ASP C 338 19.76 -3.15 -27.80
C ASP C 338 20.11 -4.15 -26.70
N LEU C 339 21.27 -3.97 -26.08
CA LEU C 339 21.77 -4.88 -25.05
C LEU C 339 21.74 -4.33 -23.62
N PHE C 340 21.88 -3.01 -23.46
CA PHE C 340 22.01 -2.43 -22.13
C PHE C 340 20.82 -1.57 -21.67
N HIS C 341 20.10 -0.98 -22.64
CA HIS C 341 19.01 -0.03 -22.33
C HIS C 341 17.72 -0.39 -23.06
N LEU D 39 -35.27 -0.36 13.61
CA LEU D 39 -35.41 -1.49 12.73
C LEU D 39 -34.28 -1.57 11.71
N LYS D 40 -34.34 -0.84 10.58
CA LYS D 40 -33.18 -0.74 9.70
C LYS D 40 -32.53 0.66 9.63
N ARG D 41 -31.21 0.72 9.72
CA ARG D 41 -30.51 1.99 9.79
C ARG D 41 -30.00 2.49 8.44
N VAL D 42 -30.32 3.74 8.14
CA VAL D 42 -29.85 4.39 6.92
C VAL D 42 -28.88 5.53 7.27
N ALA D 43 -27.90 5.72 6.40
CA ALA D 43 -27.01 6.86 6.45
C ALA D 43 -27.21 7.73 5.21
N VAL D 44 -27.26 9.04 5.42
CA VAL D 44 -27.33 10.00 4.35
C VAL D 44 -26.15 10.95 4.49
N ALA D 45 -25.35 11.03 3.43
CA ALA D 45 -24.14 11.84 3.42
C ALA D 45 -24.34 13.20 2.79
N GLN D 46 -23.77 14.22 3.43
CA GLN D 46 -23.68 15.56 2.87
C GLN D 46 -22.20 15.85 2.62
N LEU D 47 -21.89 16.37 1.43
CA LEU D 47 -20.50 16.69 1.08
C LEU D 47 -20.39 17.90 0.14
N CYS D 48 -19.16 18.24 -0.26
CA CYS D 48 -18.91 19.39 -1.11
C CYS D 48 -17.91 19.04 -2.20
N SER D 49 -18.41 18.54 -3.32
CA SER D 49 -17.55 18.06 -4.41
C SER D 49 -16.67 19.15 -4.99
N SER D 50 -15.42 18.79 -5.26
CA SER D 50 -14.49 19.64 -6.00
C SER D 50 -14.38 19.11 -7.42
N ALA D 51 -13.47 19.68 -8.21
CA ALA D 51 -13.15 19.16 -9.55
C ALA D 51 -12.08 18.06 -9.48
N ASP D 52 -11.58 17.79 -8.28
CA ASP D 52 -10.53 16.81 -8.04
C ASP D 52 -11.14 15.47 -7.63
N LEU D 53 -11.19 14.53 -8.58
CA LEU D 53 -11.74 13.19 -8.33
C LEU D 53 -10.99 12.42 -7.25
N THR D 54 -9.68 12.62 -7.16
CA THR D 54 -8.85 11.96 -6.15
C THR D 54 -9.25 12.42 -4.74
N LYS D 55 -9.37 13.74 -4.57
CA LYS D 55 -9.78 14.34 -3.30
C LYS D 55 -11.19 13.90 -2.93
N ASN D 56 -12.12 13.97 -3.89
CA ASN D 56 -13.51 13.58 -3.66
C ASN D 56 -13.65 12.11 -3.26
N LEU D 57 -12.85 11.24 -3.91
CA LEU D 57 -12.87 9.82 -3.59
C LEU D 57 -12.51 9.56 -2.13
N LYS D 58 -11.55 10.33 -1.62
CA LYS D 58 -11.08 10.22 -0.23
C LYS D 58 -12.20 10.61 0.75
N VAL D 59 -12.93 11.67 0.43
CA VAL D 59 -14.07 12.10 1.25
C VAL D 59 -15.15 11.02 1.25
N VAL D 60 -15.50 10.55 0.04
CA VAL D 60 -16.51 9.50 -0.14
C VAL D 60 -16.17 8.24 0.66
N LYS D 61 -14.92 7.79 0.57
CA LYS D 61 -14.44 6.62 1.31
C LYS D 61 -14.57 6.79 2.82
N GLU D 62 -14.20 7.98 3.32
CA GLU D 62 -14.28 8.28 4.74
C GLU D 62 -15.73 8.27 5.24
N LEU D 63 -16.64 8.77 4.41
CA LEU D 63 -18.07 8.78 4.73
C LEU D 63 -18.67 7.38 4.78
N ILE D 64 -18.29 6.53 3.83
CA ILE D 64 -18.73 5.13 3.81
C ILE D 64 -18.18 4.40 5.04
N SER D 65 -16.91 4.65 5.36
CA SER D 65 -16.25 4.09 6.54
C SER D 65 -17.02 4.43 7.82
N GLU D 66 -17.32 5.73 7.98
CA GLU D 66 -18.08 6.23 9.12
C GLU D 66 -19.48 5.59 9.21
N ALA D 67 -20.12 5.43 8.05
CA ALA D 67 -21.45 4.80 7.97
C ALA D 67 -21.46 3.37 8.48
N ILE D 68 -20.43 2.61 8.12
CA ILE D 68 -20.27 1.23 8.59
C ILE D 68 -20.08 1.17 10.11
N GLN D 69 -19.20 2.03 10.62
CA GLN D 69 -18.96 2.17 12.07
C GLN D 69 -20.26 2.37 12.82
N LYS D 70 -21.13 3.20 12.25
CA LYS D 70 -22.39 3.58 12.89
C LYS D 70 -23.53 2.61 12.58
N LYS D 71 -23.18 1.45 12.02
CA LYS D 71 -24.10 0.34 11.77
C LYS D 71 -25.22 0.62 10.76
N ALA D 72 -24.95 1.53 9.82
CA ALA D 72 -25.87 1.80 8.72
C ALA D 72 -25.82 0.68 7.70
N ASP D 73 -26.99 0.25 7.22
CA ASP D 73 -27.07 -0.85 6.26
C ASP D 73 -26.90 -0.36 4.82
N VAL D 74 -27.28 0.89 4.57
CA VAL D 74 -27.08 1.53 3.27
C VAL D 74 -26.70 2.98 3.51
N VAL D 75 -25.76 3.49 2.71
CA VAL D 75 -25.35 4.88 2.77
C VAL D 75 -25.67 5.54 1.43
N PHE D 76 -26.27 6.73 1.50
CA PHE D 76 -26.70 7.47 0.31
C PHE D 76 -25.91 8.76 0.17
N LEU D 77 -25.28 8.94 -0.98
CA LEU D 77 -24.46 10.13 -1.23
C LEU D 77 -25.04 10.96 -2.38
N PRO D 78 -24.73 12.27 -2.41
CA PRO D 78 -25.37 13.21 -3.35
C PRO D 78 -25.07 12.98 -4.83
N GLU D 79 -25.81 13.71 -5.66
CA GLU D 79 -25.52 13.87 -7.08
C GLU D 79 -24.10 14.40 -7.24
N ALA D 80 -23.42 13.98 -8.31
CA ALA D 80 -22.10 14.51 -8.66
C ALA D 80 -21.07 14.38 -7.53
N SER D 81 -21.07 13.22 -6.86
CA SER D 81 -20.09 12.94 -5.79
C SER D 81 -18.68 12.64 -6.33
N ASP D 82 -18.58 12.39 -7.64
CA ASP D 82 -17.26 12.19 -8.26
C ASP D 82 -16.58 13.52 -8.60
N TYR D 83 -17.32 14.43 -9.24
CA TYR D 83 -16.81 15.77 -9.56
C TYR D 83 -17.94 16.75 -9.85
N LEU D 84 -17.63 18.03 -9.71
CA LEU D 84 -18.40 19.11 -10.33
C LEU D 84 -17.46 19.92 -11.22
N SER D 85 -17.99 20.42 -12.33
CA SER D 85 -17.15 21.02 -13.38
C SER D 85 -17.38 22.52 -13.56
N GLN D 86 -16.47 23.16 -14.30
CA GLN D 86 -16.55 24.59 -14.60
C GLN D 86 -17.49 24.89 -15.75
N ASN D 87 -17.53 23.98 -16.74
CA ASN D 87 -18.41 24.10 -17.92
C ASN D 87 -18.59 22.75 -18.63
N PRO D 88 -19.43 22.69 -19.69
CA PRO D 88 -19.61 21.46 -20.46
C PRO D 88 -18.31 20.77 -20.90
N LEU D 89 -17.35 21.55 -21.43
CA LEU D 89 -16.09 20.98 -21.90
C LEU D 89 -15.26 20.38 -20.77
N HIS D 90 -15.23 21.06 -19.63
CA HIS D 90 -14.55 20.56 -18.44
C HIS D 90 -15.18 19.25 -17.95
N SER D 91 -16.51 19.20 -17.99
CA SER D 91 -17.25 18.00 -17.61
C SER D 91 -16.90 16.81 -18.51
N ARG D 92 -16.88 17.04 -19.83
CA ARG D 92 -16.49 16.01 -20.80
C ARG D 92 -15.08 15.49 -20.53
N TYR D 93 -14.18 16.39 -20.17
CA TYR D 93 -12.80 16.06 -19.81
C TYR D 93 -12.74 15.22 -18.53
N LEU D 94 -13.52 15.63 -17.53
CA LEU D 94 -13.54 14.95 -16.23
C LEU D 94 -14.27 13.60 -16.25
N ALA D 95 -15.30 13.48 -17.09
CA ALA D 95 -16.05 12.23 -17.21
C ALA D 95 -15.19 11.05 -17.68
N GLN D 96 -14.12 11.33 -18.40
CA GLN D 96 -13.18 10.30 -18.86
C GLN D 96 -12.45 9.61 -17.71
N LYS D 97 -12.34 10.32 -16.57
CA LYS D 97 -11.66 9.81 -15.38
C LYS D 97 -12.63 9.09 -14.43
N SER D 98 -13.92 9.22 -14.71
CA SER D 98 -14.96 8.64 -13.85
C SER D 98 -14.99 7.11 -13.79
N PRO D 99 -14.78 6.41 -14.92
CA PRO D 99 -14.77 4.94 -14.82
C PRO D 99 -13.74 4.41 -13.82
N LYS D 100 -12.54 5.01 -13.79
CA LYS D 100 -11.51 4.59 -12.83
C LYS D 100 -11.93 4.88 -11.39
N PHE D 101 -12.49 6.08 -11.17
CA PHE D 101 -13.10 6.45 -9.89
C PHE D 101 -14.08 5.36 -9.40
N ILE D 102 -14.97 4.94 -10.30
CA ILE D 102 -15.97 3.93 -9.97
C ILE D 102 -15.32 2.57 -9.61
N ARG D 103 -14.35 2.14 -10.42
CA ARG D 103 -13.62 0.90 -10.16
C ARG D 103 -12.93 0.93 -8.79
N GLN D 104 -12.34 2.09 -8.46
CA GLN D 104 -11.67 2.27 -7.18
C GLN D 104 -12.65 2.28 -6.02
N LEU D 105 -13.82 2.88 -6.25
CA LEU D 105 -14.88 2.90 -5.25
C LEU D 105 -15.40 1.50 -4.97
N GLN D 106 -15.58 0.71 -6.02
CA GLN D 106 -16.01 -0.68 -5.90
C GLN D 106 -15.06 -1.49 -5.01
N SER D 107 -13.77 -1.38 -5.28
CA SER D 107 -12.73 -2.02 -4.46
C SER D 107 -12.74 -1.52 -3.02
N SER D 108 -12.86 -0.19 -2.86
CA SER D 108 -12.83 0.44 -1.55
C SER D 108 -13.99 0.01 -0.65
N ILE D 109 -15.15 -0.24 -1.26
CA ILE D 109 -16.32 -0.73 -0.53
C ILE D 109 -16.07 -2.14 0.01
N THR D 110 -15.58 -3.03 -0.83
CA THR D 110 -15.26 -4.40 -0.40
C THR D 110 -14.17 -4.43 0.68
N ASP D 111 -13.16 -3.56 0.53
CA ASP D 111 -12.12 -3.39 1.56
C ASP D 111 -12.73 -2.96 2.90
N LEU D 112 -13.61 -1.95 2.85
CA LEU D 112 -14.20 -1.38 4.06
C LEU D 112 -15.18 -2.34 4.75
N VAL D 113 -15.92 -3.10 3.96
CA VAL D 113 -16.83 -4.13 4.48
C VAL D 113 -16.03 -5.17 5.28
N ARG D 114 -14.95 -5.66 4.69
CA ARG D 114 -14.08 -6.64 5.31
C ARG D 114 -13.44 -6.12 6.60
N ASP D 115 -12.80 -4.96 6.51
CA ASP D 115 -12.02 -4.42 7.63
C ASP D 115 -12.88 -3.92 8.80
N ASN D 116 -14.15 -3.62 8.52
CA ASN D 116 -15.07 -3.16 9.57
C ASN D 116 -16.01 -4.24 10.09
N SER D 117 -15.93 -5.42 9.49
CA SER D 117 -16.70 -6.61 9.91
C SER D 117 -18.22 -6.43 9.78
N ARG D 118 -18.66 -5.78 8.70
CA ARG D 118 -20.09 -5.48 8.50
C ARG D 118 -20.43 -5.03 7.08
N ASN D 119 -21.51 -5.58 6.53
CA ASN D 119 -21.98 -5.26 5.18
C ASN D 119 -22.55 -3.85 5.05
N ILE D 120 -22.37 -3.25 3.88
CA ILE D 120 -23.05 -2.00 3.53
C ILE D 120 -23.25 -1.90 2.02
N ASP D 121 -24.37 -1.29 1.62
CA ASP D 121 -24.60 -0.96 0.22
C ASP D 121 -24.44 0.55 0.04
N VAL D 122 -24.10 0.96 -1.18
CA VAL D 122 -23.83 2.37 -1.44
C VAL D 122 -24.63 2.88 -2.63
N SER D 123 -25.40 3.95 -2.40
CA SER D 123 -26.03 4.70 -3.49
C SER D 123 -25.29 6.03 -3.67
N ILE D 124 -24.83 6.30 -4.88
CA ILE D 124 -23.96 7.44 -5.13
C ILE D 124 -24.12 8.02 -6.54
N GLY D 125 -24.23 9.35 -6.61
CA GLY D 125 -24.30 10.05 -7.88
C GLY D 125 -22.92 10.25 -8.49
N VAL D 126 -22.77 9.85 -9.74
CA VAL D 126 -21.51 10.04 -10.48
C VAL D 126 -21.81 10.54 -11.90
N HIS D 127 -20.75 10.73 -12.69
CA HIS D 127 -20.89 10.98 -14.12
C HIS D 127 -20.28 9.83 -14.92
N LEU D 128 -20.76 9.65 -16.15
CA LEU D 128 -20.16 8.71 -17.09
C LEU D 128 -20.01 9.37 -18.45
N PRO D 129 -18.91 9.06 -19.18
CA PRO D 129 -18.71 9.66 -20.50
C PRO D 129 -19.69 9.08 -21.51
N PRO D 130 -19.94 9.80 -22.62
CA PRO D 130 -20.75 9.21 -23.68
C PRO D 130 -20.09 7.94 -24.22
N SER D 131 -20.90 6.96 -24.59
CA SER D 131 -20.39 5.73 -25.20
C SER D 131 -19.89 6.01 -26.63
N GLU D 132 -19.21 5.03 -27.21
CA GLU D 132 -18.73 5.13 -28.60
C GLU D 132 -19.92 5.35 -29.54
N GLN D 133 -20.99 4.58 -29.30
CA GLN D 133 -22.24 4.71 -30.06
C GLN D 133 -22.87 6.10 -29.93
N ASP D 134 -22.79 6.69 -28.74
CA ASP D 134 -23.31 8.03 -28.48
C ASP D 134 -22.61 9.08 -29.35
N LEU D 135 -21.28 8.98 -29.44
CA LEU D 135 -20.47 9.92 -30.22
C LEU D 135 -20.77 9.84 -31.72
N LEU D 136 -20.93 8.62 -32.23
CA LEU D 136 -21.22 8.38 -33.64
C LEU D 136 -22.60 8.90 -34.01
N GLU D 137 -23.53 8.84 -33.05
CA GLU D 137 -24.92 9.27 -33.26
C GLU D 137 -25.12 10.76 -32.95
N GLY D 138 -24.03 11.48 -32.74
CA GLY D 138 -24.08 12.93 -32.52
C GLY D 138 -24.55 13.34 -31.13
N ASN D 139 -24.34 12.49 -30.14
CA ASN D 139 -24.75 12.74 -28.76
C ASN D 139 -23.52 12.73 -27.90
N ASP D 140 -22.70 13.72 -28.08
CA ASP D 140 -21.48 13.90 -27.29
C ASP D 140 -21.82 14.64 -26.01
N ARG D 141 -22.51 13.95 -25.11
CA ARG D 141 -22.89 14.52 -23.83
C ARG D 141 -22.65 13.53 -22.70
N VAL D 142 -22.33 14.06 -21.53
CA VAL D 142 -22.07 13.29 -20.33
C VAL D 142 -23.36 12.71 -19.75
N ARG D 143 -23.25 11.59 -19.06
CA ARG D 143 -24.39 10.96 -18.41
C ARG D 143 -24.36 11.24 -16.91
N ASN D 144 -25.46 11.77 -16.39
CA ASN D 144 -25.64 11.99 -14.95
C ASN D 144 -26.32 10.76 -14.37
N VAL D 145 -25.56 9.99 -13.59
CA VAL D 145 -25.97 8.63 -13.23
C VAL D 145 -25.96 8.41 -11.71
N LEU D 146 -26.97 7.69 -11.22
CA LEU D 146 -26.99 7.27 -9.82
C LEU D 146 -26.70 5.78 -9.74
N LEU D 147 -25.60 5.43 -9.08
CA LEU D 147 -25.19 4.05 -8.95
C LEU D 147 -25.67 3.46 -7.63
N TYR D 148 -26.11 2.21 -7.66
CA TYR D 148 -26.29 1.44 -6.45
C TYR D 148 -25.24 0.33 -6.47
N ILE D 149 -24.38 0.34 -5.46
CA ILE D 149 -23.30 -0.64 -5.35
C ILE D 149 -23.48 -1.45 -4.06
N ASP D 150 -23.55 -2.77 -4.20
CA ASP D 150 -23.76 -3.63 -3.03
C ASP D 150 -22.47 -3.96 -2.29
N HIS D 151 -22.60 -4.71 -1.19
CA HIS D 151 -21.48 -5.03 -0.30
C HIS D 151 -20.37 -5.87 -0.97
N GLU D 152 -20.70 -6.46 -2.12
CA GLU D 152 -19.71 -7.20 -2.92
C GLU D 152 -19.07 -6.33 -4.00
N GLY D 153 -19.43 -5.05 -4.03
CA GLY D 153 -18.91 -4.11 -5.02
C GLY D 153 -19.57 -4.23 -6.39
N LYS D 154 -20.66 -4.98 -6.46
CA LYS D 154 -21.39 -5.15 -7.71
C LYS D 154 -22.36 -3.98 -7.93
N ILE D 155 -22.33 -3.41 -9.14
CA ILE D 155 -23.23 -2.34 -9.51
C ILE D 155 -24.57 -2.95 -9.91
N LEU D 156 -25.59 -2.74 -9.07
CA LEU D 156 -26.91 -3.34 -9.28
C LEU D 156 -27.80 -2.47 -10.16
N GLN D 157 -27.50 -1.17 -10.21
CA GLN D 157 -28.29 -0.22 -10.99
C GLN D 157 -27.43 0.96 -11.41
N GLU D 158 -27.74 1.46 -12.61
CA GLU D 158 -27.13 2.65 -13.16
C GLU D 158 -28.29 3.53 -13.66
N TYR D 159 -28.80 4.39 -12.79
CA TYR D 159 -29.93 5.25 -13.18
C TYR D 159 -29.45 6.55 -13.83
N GLN D 160 -29.81 6.73 -15.11
CA GLN D 160 -29.46 7.96 -15.82
C GLN D 160 -30.59 8.98 -15.69
N LYS D 161 -30.24 10.14 -15.16
CA LYS D 161 -31.18 11.23 -14.85
C LYS D 161 -32.14 11.55 -16.00
N LEU D 162 -33.43 11.57 -15.69
CA LEU D 162 -34.49 11.72 -16.69
C LEU D 162 -34.87 13.17 -17.00
N HIS D 163 -34.95 14.00 -15.97
CA HIS D 163 -35.34 15.40 -16.12
C HIS D 163 -34.14 16.29 -15.85
N LEU D 164 -33.68 17.01 -16.89
CA LEU D 164 -32.47 17.80 -16.78
C LEU D 164 -32.73 19.23 -16.36
N PHE D 165 -31.81 19.79 -15.57
CA PHE D 165 -31.97 21.11 -14.97
C PHE D 165 -31.71 22.25 -15.97
N ASP D 166 -32.74 22.59 -16.73
CA ASP D 166 -32.71 23.74 -17.64
C ASP D 166 -33.63 24.82 -17.09
N VAL D 167 -33.03 25.74 -16.32
CA VAL D 167 -33.79 26.69 -15.51
C VAL D 167 -33.10 28.04 -15.42
N ASP D 168 -33.88 29.11 -15.61
CA ASP D 168 -33.43 30.46 -15.28
CA ASP D 168 -33.44 30.46 -15.27
C ASP D 168 -33.71 30.66 -13.79
N VAL D 169 -32.69 30.50 -12.98
CA VAL D 169 -32.81 30.58 -11.55
C VAL D 169 -33.13 32.02 -11.09
N PRO D 170 -34.25 32.20 -10.42
CA PRO D 170 -34.66 33.50 -9.92
C PRO D 170 -33.58 34.17 -9.11
N ASN D 171 -33.16 35.32 -9.53
CA ASN D 171 -32.11 36.00 -8.86
C ASN D 171 -30.80 35.24 -8.84
N GLY D 172 -30.50 34.57 -9.97
CA GLY D 172 -29.45 33.59 -10.08
C GLY D 172 -29.01 33.44 -11.52
N PRO D 173 -28.21 32.44 -11.79
CA PRO D 173 -27.71 32.16 -13.14
C PRO D 173 -28.72 31.45 -14.05
N ILE D 174 -28.53 31.58 -15.35
CA ILE D 174 -29.27 30.82 -16.34
C ILE D 174 -28.55 29.49 -16.58
N LEU D 175 -29.17 28.39 -16.14
CA LEU D 175 -28.54 27.08 -16.24
C LEU D 175 -29.21 26.20 -17.29
N LYS D 176 -28.39 25.50 -18.06
CA LYS D 176 -28.88 24.56 -19.07
C LYS D 176 -28.08 23.26 -19.00
N GLU D 177 -28.54 22.34 -18.16
CA GLU D 177 -27.88 21.06 -17.98
C GLU D 177 -27.81 20.25 -19.29
N SER D 178 -28.86 20.34 -20.11
CA SER D 178 -28.98 19.57 -21.35
C SER D 178 -27.93 19.93 -22.41
N LYS D 179 -27.24 21.05 -22.21
CA LYS D 179 -26.12 21.44 -23.07
C LYS D 179 -24.93 20.49 -22.90
N SER D 180 -24.77 19.99 -21.68
CA SER D 180 -23.62 19.17 -21.29
C SER D 180 -24.00 17.71 -21.03
N VAL D 181 -25.27 17.48 -20.71
CA VAL D 181 -25.73 16.19 -20.19
C VAL D 181 -26.84 15.61 -21.05
N GLN D 182 -26.81 14.29 -21.25
CA GLN D 182 -27.85 13.58 -22.01
C GLN D 182 -28.91 12.98 -21.09
N PRO D 183 -30.20 13.17 -21.43
CA PRO D 183 -31.27 12.64 -20.59
C PRO D 183 -31.36 11.10 -20.68
N GLY D 184 -31.80 10.47 -19.59
CA GLY D 184 -31.95 9.02 -19.54
C GLY D 184 -33.12 8.51 -20.36
N LYS D 185 -33.13 7.21 -20.60
CA LYS D 185 -34.09 6.57 -21.48
C LYS D 185 -35.11 5.70 -20.73
N ALA D 186 -34.85 5.44 -19.45
CA ALA D 186 -35.63 4.44 -18.71
C ALA D 186 -36.01 4.83 -17.29
N ILE D 187 -37.16 4.31 -16.86
CA ILE D 187 -37.56 4.37 -15.46
C ILE D 187 -36.74 3.32 -14.70
N PRO D 188 -36.07 3.74 -13.60
CA PRO D 188 -35.23 2.79 -12.85
C PRO D 188 -36.07 1.75 -12.11
N ASP D 189 -35.63 0.49 -12.16
CA ASP D 189 -36.26 -0.59 -11.41
C ASP D 189 -36.19 -0.33 -9.91
N ILE D 190 -37.14 -0.88 -9.18
CA ILE D 190 -37.08 -0.89 -7.72
C ILE D 190 -35.94 -1.81 -7.31
N ILE D 191 -35.15 -1.38 -6.33
CA ILE D 191 -34.07 -2.18 -5.78
C ILE D 191 -34.51 -2.78 -4.46
N GLU D 192 -34.40 -4.11 -4.35
CA GLU D 192 -34.64 -4.78 -3.08
C GLU D 192 -33.41 -4.59 -2.19
N SER D 193 -33.39 -3.45 -1.50
CA SER D 193 -32.26 -3.10 -0.63
C SER D 193 -32.41 -3.71 0.77
N PRO D 194 -31.32 -3.71 1.57
CA PRO D 194 -31.40 -4.15 2.97
C PRO D 194 -32.43 -3.37 3.80
N LEU D 195 -32.75 -2.15 3.37
CA LEU D 195 -33.71 -1.29 4.08
C LEU D 195 -35.15 -1.54 3.64
N GLY D 196 -35.30 -2.18 2.47
CA GLY D 196 -36.61 -2.35 1.85
C GLY D 196 -36.57 -1.90 0.40
N LYS D 197 -37.75 -1.82 -0.21
CA LYS D 197 -37.86 -1.53 -1.63
C LYS D 197 -37.52 -0.07 -1.92
N LEU D 198 -36.48 0.14 -2.72
CA LEU D 198 -35.93 1.47 -2.98
C LEU D 198 -36.24 1.96 -4.39
N GLY D 199 -36.78 3.18 -4.47
CA GLY D 199 -36.96 3.86 -5.75
C GLY D 199 -35.95 4.98 -5.84
N SER D 200 -35.30 5.12 -6.98
CA SER D 200 -34.22 6.08 -7.12
C SER D 200 -34.52 7.20 -8.12
N ALA D 201 -34.07 8.41 -7.77
CA ALA D 201 -34.24 9.59 -8.62
C ALA D 201 -33.09 10.54 -8.35
N ILE D 202 -32.87 11.48 -9.26
CA ILE D 202 -31.84 12.50 -9.07
C ILE D 202 -32.48 13.87 -9.14
N TYR D 204 -33.46 17.59 -9.76
CA TYR D 204 -34.69 17.98 -10.45
C TYR D 204 -35.83 17.01 -10.70
N ASP D 205 -35.56 15.72 -10.81
CA ASP D 205 -36.57 14.65 -10.85
C ASP D 205 -37.64 14.81 -9.77
N ILE D 206 -37.24 15.35 -8.62
CA ILE D 206 -38.14 15.56 -7.49
C ILE D 206 -39.34 16.48 -7.82
N ARG D 207 -39.18 17.34 -8.82
CA ARG D 207 -40.21 18.31 -9.18
C ARG D 207 -41.34 17.73 -10.02
N PHE D 208 -41.17 16.49 -10.45
CA PHE D 208 -42.11 15.83 -11.35
C PHE D 208 -42.81 14.70 -10.58
N PRO D 209 -43.95 15.02 -9.93
CA PRO D 209 -44.59 14.08 -8.98
C PRO D 209 -44.96 12.74 -9.60
N GLU D 210 -45.29 12.74 -10.90
CA GLU D 210 -45.69 11.51 -11.60
C GLU D 210 -44.58 10.45 -11.56
N PHE D 211 -43.32 10.88 -11.50
CA PHE D 211 -42.18 9.98 -11.37
C PHE D 211 -42.22 9.27 -10.01
N SER D 212 -42.28 10.05 -8.93
CA SER D 212 -42.38 9.49 -7.58
C SER D 212 -43.61 8.59 -7.41
N LEU D 213 -44.72 8.98 -8.04
CA LEU D 213 -45.95 8.17 -7.97
C LEU D 213 -45.76 6.82 -8.63
N LYS D 214 -45.11 6.82 -9.79
CA LYS D 214 -44.83 5.60 -10.54
C LYS D 214 -43.95 4.64 -9.74
N LEU D 215 -42.92 5.18 -9.08
CA LEU D 215 -42.02 4.38 -8.24
C LEU D 215 -42.77 3.73 -7.07
N ARG D 216 -43.69 4.47 -6.47
CA ARG D 216 -44.58 3.89 -5.46
C ARG D 216 -45.48 2.79 -6.06
N SER D 217 -46.09 3.05 -7.22
CA SER D 217 -46.89 2.03 -7.92
C SER D 217 -46.09 0.76 -8.21
N MET D 218 -44.81 0.93 -8.53
CA MET D 218 -43.88 -0.17 -8.77
C MET D 218 -43.49 -0.92 -7.48
N GLY D 219 -43.80 -0.33 -6.33
CA GLY D 219 -43.59 -0.99 -5.04
C GLY D 219 -42.59 -0.34 -4.10
N ALA D 220 -42.13 0.87 -4.43
CA ALA D 220 -41.17 1.57 -3.55
C ALA D 220 -41.72 1.77 -2.14
N GLU D 221 -40.83 1.62 -1.16
CA GLU D 221 -41.09 1.94 0.24
C GLU D 221 -40.21 3.12 0.65
N ILE D 222 -39.12 3.29 -0.08
CA ILE D 222 -38.13 4.33 0.17
C ILE D 222 -37.79 5.02 -1.15
N LEU D 223 -37.71 6.34 -1.13
CA LEU D 223 -37.28 7.13 -2.29
C LEU D 223 -36.05 7.95 -1.92
N CYS D 224 -35.13 8.11 -2.86
CA CYS D 224 -33.97 8.95 -2.62
C CYS D 224 -33.84 10.01 -3.70
N PHE D 225 -33.45 11.22 -3.30
CA PHE D 225 -33.24 12.33 -4.23
C PHE D 225 -31.85 12.97 -4.05
N PRO D 226 -30.77 12.22 -4.32
CA PRO D 226 -29.44 12.83 -4.28
C PRO D 226 -29.38 14.06 -5.19
N SER D 227 -28.80 15.14 -4.70
CA SER D 227 -28.99 16.45 -5.29
C SER D 227 -27.80 17.39 -5.18
N ALA D 228 -27.73 18.32 -6.13
CA ALA D 228 -26.90 19.52 -6.04
C ALA D 228 -27.86 20.69 -6.25
N PHE D 229 -28.50 21.10 -5.16
CA PHE D 229 -29.59 22.07 -5.22
C PHE D 229 -29.05 23.48 -5.04
N THR D 230 -29.60 24.42 -5.81
CA THR D 230 -29.22 25.83 -5.70
C THR D 230 -29.69 26.42 -4.38
N ILE D 231 -29.08 27.55 -4.00
CA ILE D 231 -29.43 28.24 -2.77
C ILE D 231 -30.79 28.94 -2.91
N LYS D 232 -31.02 29.58 -4.05
CA LYS D 232 -32.27 30.31 -4.29
C LYS D 232 -33.52 29.41 -4.29
N THR D 233 -33.44 28.25 -4.94
CA THR D 233 -34.57 27.32 -4.96
C THR D 233 -34.55 26.38 -3.76
N GLY D 234 -33.37 26.18 -3.18
CA GLY D 234 -33.21 25.38 -1.96
C GLY D 234 -33.91 25.99 -0.76
N GLU D 235 -33.67 27.28 -0.52
CA GLU D 235 -34.32 27.99 0.58
C GLU D 235 -35.84 28.00 0.42
N ALA D 236 -36.30 28.11 -0.83
CA ALA D 236 -37.73 28.12 -1.14
C ALA D 236 -38.39 26.75 -1.04
N HIS D 237 -37.79 25.73 -1.67
CA HIS D 237 -38.51 24.49 -1.98
C HIS D 237 -37.91 23.16 -1.50
N TRP D 238 -36.63 23.15 -1.11
CA TRP D 238 -35.97 21.88 -0.78
C TRP D 238 -36.75 21.02 0.22
N GLU D 239 -37.02 21.60 1.40
CA GLU D 239 -37.72 20.89 2.46
C GLU D 239 -39.16 20.59 2.05
N LEU D 240 -39.83 21.57 1.44
CA LEU D 240 -41.19 21.39 0.95
C LEU D 240 -41.33 20.21 0.01
N LEU D 241 -40.45 20.11 -0.98
CA LEU D 241 -40.51 19.05 -2.00
C LEU D 241 -40.26 17.66 -1.43
N GLY D 242 -39.29 17.56 -0.52
CA GLY D 242 -38.99 16.29 0.12
C GLY D 242 -40.19 15.80 0.94
N ARG D 243 -40.75 16.71 1.73
CA ARG D 243 -41.90 16.40 2.57
C ARG D 243 -43.14 16.07 1.73
N ALA D 244 -43.35 16.83 0.66
CA ALA D 244 -44.45 16.56 -0.28
C ALA D 244 -44.37 15.17 -0.88
N ARG D 245 -43.21 14.80 -1.43
CA ARG D 245 -43.03 13.48 -2.03
C ARG D 245 -43.24 12.36 -1.00
N ALA D 246 -42.77 12.57 0.22
CA ALA D 246 -42.96 11.61 1.30
C ALA D 246 -44.44 11.38 1.58
N VAL D 247 -45.19 12.48 1.71
CA VAL D 247 -46.62 12.42 2.01
C VAL D 247 -47.43 11.91 0.80
N ASP D 248 -47.09 12.38 -0.39
CA ASP D 248 -47.73 11.91 -1.65
C ASP D 248 -47.63 10.39 -1.81
N THR D 249 -46.46 9.83 -1.50
CA THR D 249 -46.16 8.44 -1.81
C THR D 249 -46.21 7.50 -0.62
N GLN D 250 -46.32 8.06 0.59
CA GLN D 250 -46.21 7.27 1.83
C GLN D 250 -44.94 6.43 1.82
N CYS D 251 -43.83 7.11 1.55
CA CYS D 251 -42.51 6.48 1.56
C CYS D 251 -41.60 7.28 2.47
N TYR D 252 -40.61 6.60 3.05
CA TYR D 252 -39.45 7.28 3.60
C TYR D 252 -38.75 8.00 2.45
N VAL D 253 -38.31 9.23 2.69
CA VAL D 253 -37.62 10.01 1.66
C VAL D 253 -36.26 10.44 2.18
N LEU D 254 -35.22 10.11 1.40
CA LEU D 254 -33.84 10.39 1.75
C LEU D 254 -33.33 11.48 0.83
N MET D 255 -32.72 12.50 1.42
CA MET D 255 -32.30 13.69 0.68
CA MET D 255 -32.30 13.67 0.67
C MET D 255 -30.81 13.99 0.87
N PRO D 256 -29.93 13.28 0.13
CA PRO D 256 -28.50 13.59 0.21
C PRO D 256 -28.16 14.80 -0.65
N GLY D 257 -27.65 15.87 -0.02
CA GLY D 257 -27.37 17.10 -0.76
C GLY D 257 -25.92 17.57 -0.70
N GLN D 258 -25.43 18.06 -1.84
CA GLN D 258 -24.19 18.84 -1.90
C GLN D 258 -24.39 20.08 -1.02
N VAL D 259 -23.30 20.57 -0.44
CA VAL D 259 -23.35 21.77 0.40
C VAL D 259 -22.17 22.71 0.13
N GLY D 260 -22.38 24.00 0.35
CA GLY D 260 -21.31 24.99 0.38
C GLY D 260 -20.73 25.41 -0.96
N MET D 261 -19.72 26.28 -0.89
CA MET D 261 -19.03 26.79 -2.08
CA MET D 261 -19.00 26.80 -2.05
C MET D 261 -18.10 25.72 -2.64
N HIS D 262 -18.30 25.40 -3.92
CA HIS D 262 -17.49 24.37 -4.57
C HIS D 262 -16.20 24.91 -5.17
N ASP D 263 -15.10 24.20 -4.91
CA ASP D 263 -13.79 24.55 -5.48
C ASP D 263 -13.58 23.78 -6.79
N LEU D 264 -13.80 24.46 -7.91
CA LEU D 264 -13.74 23.83 -9.22
C LEU D 264 -12.37 23.97 -9.90
N SER D 265 -11.36 24.27 -9.09
CA SER D 265 -9.97 24.44 -9.57
C SER D 265 -9.44 23.18 -10.23
N ASP D 266 -8.84 23.34 -11.41
CA ASP D 266 -8.25 22.25 -12.17
C ASP D 266 -7.13 22.82 -13.04
N PRO D 267 -5.89 22.82 -12.52
CA PRO D 267 -4.74 23.42 -13.21
C PRO D 267 -4.44 22.81 -14.57
N GLU D 268 -4.56 21.49 -14.69
CA GLU D 268 -4.27 20.77 -15.93
C GLU D 268 -5.25 21.06 -17.06
N TRP D 269 -6.54 21.17 -16.73
CA TRP D 269 -7.56 21.46 -17.74
C TRP D 269 -7.58 22.94 -18.16
N GLU D 270 -7.29 23.83 -17.21
CA GLU D 270 -7.42 25.27 -17.42
C GLU D 270 -6.56 25.84 -18.57
N LYS D 271 -5.48 25.16 -18.90
CA LYS D 271 -4.65 25.53 -20.06
C LYS D 271 -5.38 25.34 -21.39
N GLN D 272 -6.35 24.43 -21.40
CA GLN D 272 -7.26 24.27 -22.53
C GLN D 272 -8.67 24.67 -22.12
N SER D 273 -8.93 25.98 -22.13
CA SER D 273 -10.21 26.54 -21.70
C SER D 273 -10.49 27.87 -22.40
N HIS D 274 -11.70 28.01 -22.93
CA HIS D 274 -12.11 29.22 -23.62
C HIS D 274 -13.24 29.93 -22.87
N MET D 275 -13.29 29.72 -21.56
CA MET D 275 -14.35 30.28 -20.71
C MET D 275 -14.16 31.78 -20.49
N SER D 276 -15.25 32.53 -20.64
CA SER D 276 -15.21 33.99 -20.45
C SER D 276 -15.16 34.37 -18.97
N ALA D 277 -14.96 35.66 -18.71
CA ALA D 277 -14.93 36.19 -17.34
C ALA D 277 -16.30 36.07 -16.67
N LEU D 278 -17.37 36.26 -17.45
CA LEU D 278 -18.74 36.17 -16.96
C LEU D 278 -19.08 34.77 -16.44
N GLU D 279 -18.61 33.74 -17.16
CA GLU D 279 -18.82 32.35 -16.77
C GLU D 279 -18.00 31.95 -15.55
N LYS D 280 -16.80 32.55 -15.42
CA LYS D 280 -15.93 32.31 -14.28
C LYS D 280 -16.48 32.99 -13.03
N SER D 282 -19.05 34.23 -11.52
CA SER D 282 -20.13 33.29 -11.24
C SER D 282 -19.59 32.07 -10.49
N ARG D 283 -20.20 31.76 -9.35
CA ARG D 283 -19.72 30.72 -8.46
C ARG D 283 -20.79 29.67 -8.17
N ARG D 284 -20.35 28.45 -7.90
CA ARG D 284 -21.24 27.34 -7.60
C ARG D 284 -21.32 27.12 -6.09
N GLU D 285 -22.55 27.19 -5.57
CA GLU D 285 -22.81 26.95 -4.15
C GLU D 285 -24.09 26.13 -4.01
N SER D 286 -24.01 25.07 -3.20
CA SER D 286 -25.16 24.18 -2.97
C SER D 286 -25.81 24.37 -1.59
N TRP D 287 -27.10 24.06 -1.53
CA TRP D 287 -27.95 24.33 -0.37
C TRP D 287 -27.67 23.47 0.87
N GLY D 288 -27.33 22.20 0.66
CA GLY D 288 -27.14 21.27 1.77
C GLY D 288 -28.46 20.89 2.42
N HIS D 289 -28.53 21.06 3.75
CA HIS D 289 -29.73 20.73 4.52
C HIS D 289 -30.22 19.29 4.28
N SER D 290 -29.28 18.36 4.14
CA SER D 290 -29.59 16.95 3.93
C SER D 290 -30.50 16.43 5.04
N MET D 291 -31.45 15.57 4.69
CA MET D 291 -32.43 15.10 5.66
C MET D 291 -33.03 13.73 5.34
N VAL D 292 -33.65 13.14 6.35
CA VAL D 292 -34.44 11.92 6.24
C VAL D 292 -35.87 12.25 6.69
N ILE D 293 -36.84 11.86 5.87
CA ILE D 293 -38.24 12.18 6.14
C ILE D 293 -39.06 10.89 6.20
N ASP D 294 -39.95 10.79 7.20
CA ASP D 294 -40.80 9.61 7.34
C ASP D 294 -42.02 9.69 6.41
N PRO D 295 -42.79 8.59 6.27
CA PRO D 295 -43.91 8.57 5.31
C PRO D 295 -45.08 9.51 5.67
N TRP D 296 -45.02 10.10 6.86
CA TRP D 296 -46.02 11.07 7.32
C TRP D 296 -45.56 12.52 7.10
N GLY D 297 -44.34 12.69 6.58
CA GLY D 297 -43.79 14.03 6.32
C GLY D 297 -42.97 14.63 7.44
N LYS D 298 -42.75 13.85 8.49
CA LYS D 298 -41.95 14.32 9.63
C LYS D 298 -40.45 14.12 9.35
N ILE D 299 -39.68 15.19 9.55
CA ILE D 299 -38.23 15.13 9.43
C ILE D 299 -37.67 14.43 10.65
N ILE D 300 -36.99 13.30 10.43
CA ILE D 300 -36.48 12.49 11.54
C ILE D 300 -34.96 12.56 11.70
N ALA D 301 -34.30 13.15 10.71
CA ALA D 301 -32.86 13.41 10.76
C ALA D 301 -32.55 14.58 9.84
N HIS D 302 -31.64 15.45 10.25
CA HIS D 302 -31.30 16.64 9.49
C HIS D 302 -29.83 17.00 9.67
N ALA D 303 -29.20 17.45 8.59
CA ALA D 303 -27.81 17.90 8.64
C ALA D 303 -27.64 19.04 9.64
N ASP D 304 -26.49 19.06 10.30
CA ASP D 304 -26.13 20.12 11.24
C ASP D 304 -25.60 21.32 10.45
N PRO D 305 -26.24 22.50 10.60
CA PRO D 305 -25.80 23.69 9.88
C PRO D 305 -24.46 24.25 10.39
N SER D 306 -24.04 23.81 11.57
CA SER D 306 -22.76 24.23 12.16
C SER D 306 -21.55 23.64 11.43
N THR D 307 -21.45 22.31 11.38
CA THR D 307 -20.33 21.64 10.73
C THR D 307 -20.20 22.06 9.26
N VAL D 308 -18.97 22.39 8.88
CA VAL D 308 -18.71 23.06 7.60
C VAL D 308 -18.57 22.08 6.44
N GLY D 309 -17.70 21.09 6.60
CA GLY D 309 -17.39 20.15 5.52
C GLY D 309 -18.40 19.02 5.37
N PRO D 310 -17.93 17.83 4.94
CA PRO D 310 -18.80 16.66 4.84
C PRO D 310 -19.34 16.23 6.22
N GLN D 311 -20.56 15.70 6.23
CA GLN D 311 -21.15 15.16 7.45
C GLN D 311 -22.11 14.03 7.12
N LEU D 312 -22.44 13.23 8.14
CA LEU D 312 -23.29 12.08 7.97
C LEU D 312 -24.44 12.15 8.96
N ILE D 313 -25.65 11.87 8.49
CA ILE D 313 -26.82 11.79 9.36
C ILE D 313 -27.39 10.37 9.35
N LEU D 314 -27.98 9.95 10.47
CA LEU D 314 -28.49 8.60 10.62
C LEU D 314 -29.96 8.59 11.02
N ALA D 315 -30.68 7.60 10.54
CA ALA D 315 -32.08 7.40 10.92
C ALA D 315 -32.42 5.91 10.90
N ASP D 316 -33.27 5.50 11.83
CA ASP D 316 -33.78 4.13 11.85
C ASP D 316 -35.14 4.11 11.17
N LEU D 317 -35.26 3.31 10.11
CA LEU D 317 -36.49 3.24 9.34
C LEU D 317 -37.40 2.13 9.85
N ASP D 318 -38.66 2.47 10.10
CA ASP D 318 -39.63 1.59 10.75
C ASP D 318 -40.68 1.11 9.75
N ARG D 319 -40.52 -0.14 9.30
CA ARG D 319 -41.44 -0.75 8.32
C ARG D 319 -42.89 -0.87 8.82
N GLU D 320 -43.06 -1.01 10.13
CA GLU D 320 -44.39 -1.10 10.73
C GLU D 320 -45.13 0.25 10.69
N LEU D 321 -44.39 1.34 10.92
CA LEU D 321 -44.97 2.69 10.80
C LEU D 321 -45.42 2.96 9.37
N LEU D 322 -44.59 2.55 8.41
CA LEU D 322 -44.91 2.69 6.99
C LEU D 322 -46.16 1.90 6.62
N GLN D 323 -46.23 0.65 7.09
CA GLN D 323 -47.38 -0.22 6.83
C GLN D 323 -48.65 0.31 7.48
N GLU D 324 -48.53 0.82 8.70
CA GLU D 324 -49.67 1.41 9.43
C GLU D 324 -50.24 2.63 8.71
N ILE D 325 -49.35 3.51 8.24
CA ILE D 325 -49.74 4.70 7.49
C ILE D 325 -50.50 4.31 6.22
N ARG D 326 -49.95 3.33 5.49
CA ARG D 326 -50.56 2.85 4.25
C ARG D 326 -51.89 2.14 4.50
N ASN D 327 -52.00 1.44 5.64
CA ASN D 327 -53.26 0.76 5.97
C ASN D 327 -54.37 1.75 6.37
N LYS D 328 -53.99 2.78 7.12
CA LYS D 328 -54.95 3.78 7.62
C LYS D 328 -55.46 4.75 6.57
N MET D 329 -54.61 5.07 5.61
CA MET D 329 -54.97 5.96 4.48
C MET D 329 -54.54 5.26 3.20
N PRO D 330 -55.37 4.31 2.70
CA PRO D 330 -54.94 3.44 1.60
C PRO D 330 -55.01 4.11 0.22
N LEU D 331 -54.19 5.13 0.02
CA LEU D 331 -54.21 5.92 -1.23
C LEU D 331 -54.09 5.10 -2.51
N TRP D 332 -53.24 4.07 -2.52
CA TRP D 332 -53.05 3.27 -3.73
C TRP D 332 -54.22 2.31 -4.05
N ASN D 333 -55.20 2.23 -3.15
CA ASN D 333 -56.45 1.53 -3.43
C ASN D 333 -57.57 2.52 -3.78
N GLN D 334 -57.22 3.79 -3.88
CA GLN D 334 -58.22 4.86 -4.00
C GLN D 334 -57.99 5.78 -5.18
N ARG D 335 -57.02 5.42 -6.04
CA ARG D 335 -56.68 6.26 -7.19
C ARG D 335 -57.73 6.08 -8.28
N ARG D 336 -57.88 7.07 -9.13
CA ARG D 336 -58.80 7.00 -10.24
C ARG D 336 -58.10 6.69 -11.59
N ASP D 337 -57.58 5.48 -11.69
CA ASP D 337 -56.87 5.03 -12.89
C ASP D 337 -57.78 5.03 -14.11
N ASP D 338 -59.08 4.88 -13.88
CA ASP D 338 -60.09 5.00 -14.94
C ASP D 338 -60.08 6.37 -15.62
N LEU D 339 -59.62 7.40 -14.90
CA LEU D 339 -59.58 8.76 -15.42
C LEU D 339 -58.18 9.32 -15.67
N PHE D 340 -57.21 8.93 -14.84
CA PHE D 340 -55.88 9.54 -14.89
C PHE D 340 -54.74 8.66 -15.42
N HIS D 341 -54.96 7.34 -15.47
CA HIS D 341 -53.91 6.41 -15.92
C HIS D 341 -54.51 5.34 -16.83
#